data_2O3C
#
_entry.id   2O3C
#
_cell.length_a   54.660
_cell.length_b   117.780
_cell.length_c   85.840
_cell.angle_alpha   90.00
_cell.angle_beta   98.34
_cell.angle_gamma   90.00
#
_symmetry.space_group_name_H-M   'P 1 21 1'
#
loop_
_entity.id
_entity.type
_entity.pdbx_description
1 polymer 'APEX nuclease 1'
2 non-polymer 'LEAD (II) ION'
3 water water
#
_entity_poly.entity_id   1
_entity_poly.type   'polypeptide(L)'
_entity_poly.pdbx_seq_one_letter_code
;GSHMEAPILYEDPPEKLTSKDGRAANMKITSWNVDGLRAWVKKNGLDWVRKEDPDILCLQETKCAEKALPADITAMPEYP
HKYWAGSEDKEGYSGVAMLCKTEPLNVTYGIGKEEHDKEGRVITAEFPDFFLVTAYVPNASRGLVRLDYRKTWDVDFRAY
LCGLDARKPLVLCGDLNVAHQEIDLKNPKGNRKNAGFTPEEREGFTQLLEAGFTDSFRELYPDQAYAYTFWTYMMNARSK
NVGWRLDYFVLSSALLPGLCDSKIRNTAMGSDHCPITLFLAV
;
_entity_poly.pdbx_strand_id   A,B,C
#
# COMPACT_ATOMS: atom_id res chain seq x y z
N PRO A 7 -45.96 10.22 -6.69
CA PRO A 7 -44.57 10.22 -7.22
C PRO A 7 -43.72 9.25 -6.41
N ILE A 8 -43.02 8.35 -7.11
CA ILE A 8 -42.17 7.36 -6.44
C ILE A 8 -40.78 7.92 -6.21
N LEU A 9 -40.50 8.33 -4.98
CA LEU A 9 -39.22 8.90 -4.62
C LEU A 9 -38.24 7.84 -4.16
N TYR A 10 -37.00 8.24 -3.91
CA TYR A 10 -35.96 7.31 -3.48
C TYR A 10 -35.11 7.87 -2.36
N GLU A 11 -34.94 7.08 -1.29
CA GLU A 11 -34.12 7.50 -0.17
C GLU A 11 -32.85 6.67 -0.18
N ASP A 12 -31.69 7.34 -0.23
CA ASP A 12 -30.42 6.63 -0.25
C ASP A 12 -30.12 6.08 1.14
N PRO A 13 -29.83 4.78 1.24
CA PRO A 13 -29.54 4.12 2.51
C PRO A 13 -28.37 4.73 3.26
N PRO A 14 -28.27 4.45 4.57
CA PRO A 14 -27.17 4.99 5.37
C PRO A 14 -25.86 4.48 4.80
N GLU A 15 -24.77 5.12 5.17
CA GLU A 15 -23.45 4.73 4.67
C GLU A 15 -22.87 3.48 5.31
N LYS A 16 -22.31 2.62 4.47
CA LYS A 16 -21.66 1.40 4.93
C LYS A 16 -20.18 1.69 4.83
N LEU A 17 -19.49 1.64 5.96
CA LEU A 17 -18.08 1.95 5.98
C LEU A 17 -17.09 0.79 6.08
N THR A 18 -17.54 -0.42 5.80
CA THR A 18 -16.65 -1.58 5.83
C THR A 18 -16.83 -2.34 4.52
N SER A 19 -15.74 -2.84 3.97
CA SER A 19 -15.77 -3.56 2.69
C SER A 19 -16.27 -5.00 2.79
N LYS A 20 -16.44 -5.63 1.64
CA LYS A 20 -16.90 -7.01 1.59
C LYS A 20 -15.90 -7.93 2.29
N ASP A 21 -14.61 -7.63 2.17
CA ASP A 21 -13.63 -8.48 2.80
C ASP A 21 -13.35 -8.11 4.25
N GLY A 22 -14.04 -7.09 4.74
CA GLY A 22 -13.87 -6.70 6.13
C GLY A 22 -13.03 -5.49 6.47
N ARG A 23 -12.45 -4.85 5.45
CA ARG A 23 -11.62 -3.69 5.69
C ARG A 23 -12.46 -2.44 5.89
N ALA A 24 -11.99 -1.56 6.78
CA ALA A 24 -12.69 -0.32 7.05
C ALA A 24 -12.34 0.70 5.97
N ALA A 25 -13.34 1.45 5.52
CA ALA A 25 -13.12 2.46 4.49
C ALA A 25 -11.96 3.38 4.86
N ASN A 26 -11.14 3.71 3.87
CA ASN A 26 -10.00 4.59 4.06
C ASN A 26 -9.93 5.61 2.92
N MET A 27 -10.89 5.53 2.01
CA MET A 27 -10.93 6.44 0.86
C MET A 27 -12.37 6.85 0.55
N LYS A 28 -12.59 8.15 0.49
CA LYS A 28 -13.92 8.70 0.19
C LYS A 28 -13.82 9.57 -1.05
N ILE A 29 -14.52 9.19 -2.11
CA ILE A 29 -14.49 9.94 -3.37
C ILE A 29 -15.86 10.39 -3.82
N THR A 30 -15.97 11.66 -4.21
CA THR A 30 -17.23 12.22 -4.67
C THR A 30 -17.08 12.72 -6.11
N SER A 31 -18.09 12.39 -6.92
CA SER A 31 -18.13 12.78 -8.32
C SER A 31 -19.39 13.61 -8.49
N TRP A 32 -19.30 14.67 -9.31
CA TRP A 32 -20.46 15.54 -9.52
C TRP A 32 -20.41 16.32 -10.84
N ASN A 33 -21.44 16.14 -11.67
CA ASN A 33 -21.57 16.87 -12.92
C ASN A 33 -22.28 18.13 -12.43
N VAL A 34 -21.56 19.25 -12.42
CA VAL A 34 -22.07 20.51 -11.89
C VAL A 34 -22.86 21.39 -12.87
N ASP A 35 -22.94 20.97 -14.13
CA ASP A 35 -23.67 21.73 -15.13
C ASP A 35 -23.20 23.20 -15.12
N GLY A 36 -21.90 23.41 -15.33
CA GLY A 36 -21.38 24.77 -15.34
C GLY A 36 -20.87 25.12 -13.96
N LEU A 37 -19.56 25.00 -13.78
CA LEU A 37 -18.96 25.27 -12.48
C LEU A 37 -19.30 26.65 -11.89
N ARG A 38 -19.35 27.67 -12.73
CA ARG A 38 -19.65 29.01 -12.25
C ARG A 38 -21.04 29.13 -11.65
N ALA A 39 -22.05 28.66 -12.36
CA ALA A 39 -23.41 28.71 -11.85
C ALA A 39 -23.49 27.88 -10.57
N TRP A 40 -22.86 26.71 -10.61
CA TRP A 40 -22.85 25.78 -9.49
C TRP A 40 -22.27 26.40 -8.21
N VAL A 41 -21.11 27.04 -8.31
CA VAL A 41 -20.49 27.64 -7.13
C VAL A 41 -21.43 28.67 -6.51
N LYS A 42 -22.06 29.48 -7.38
CA LYS A 42 -23.00 30.49 -6.93
C LYS A 42 -24.19 29.87 -6.24
N LYS A 43 -24.54 28.65 -6.65
CA LYS A 43 -25.66 27.96 -6.03
C LYS A 43 -25.19 27.29 -4.75
N ASN A 44 -24.00 27.67 -4.30
CA ASN A 44 -23.42 27.14 -3.07
C ASN A 44 -23.01 25.67 -3.08
N GLY A 45 -22.58 25.17 -4.23
CA GLY A 45 -22.17 23.78 -4.32
C GLY A 45 -21.03 23.45 -3.37
N LEU A 46 -20.13 24.40 -3.15
CA LEU A 46 -18.98 24.19 -2.27
C LEU A 46 -19.40 23.98 -0.82
N ASP A 47 -20.51 24.61 -0.43
CA ASP A 47 -21.01 24.44 0.93
C ASP A 47 -21.22 22.94 1.14
N TRP A 48 -22.04 22.35 0.27
CA TRP A 48 -22.31 20.92 0.36
C TRP A 48 -21.02 20.13 0.26
N VAL A 49 -20.13 20.53 -0.62
CA VAL A 49 -18.86 19.82 -0.78
C VAL A 49 -18.12 19.75 0.55
N ARG A 50 -18.16 20.83 1.32
CA ARG A 50 -17.47 20.84 2.60
C ARG A 50 -18.17 19.95 3.63
N LYS A 51 -19.49 19.80 3.53
CA LYS A 51 -20.18 18.92 4.46
C LYS A 51 -19.77 17.47 4.15
N GLU A 52 -19.82 17.09 2.87
CA GLU A 52 -19.44 15.74 2.46
C GLU A 52 -17.96 15.51 2.76
N ASP A 53 -17.16 16.55 2.55
CA ASP A 53 -15.73 16.51 2.80
C ASP A 53 -15.02 15.26 2.31
N PRO A 54 -15.09 15.00 0.99
CA PRO A 54 -14.43 13.82 0.42
C PRO A 54 -12.92 14.00 0.33
N ASP A 55 -12.21 12.89 0.15
CA ASP A 55 -10.75 12.94 0.03
C ASP A 55 -10.41 13.46 -1.35
N ILE A 56 -11.27 13.14 -2.31
CA ILE A 56 -11.09 13.57 -3.69
C ILE A 56 -12.43 13.99 -4.26
N LEU A 57 -12.44 15.13 -4.93
CA LEU A 57 -13.65 15.66 -5.55
C LEU A 57 -13.44 15.72 -7.06
N CYS A 58 -14.31 15.04 -7.80
CA CYS A 58 -14.24 15.03 -9.26
C CYS A 58 -15.46 15.78 -9.77
N LEU A 59 -15.24 16.69 -10.71
CA LEU A 59 -16.34 17.46 -11.29
C LEU A 59 -16.35 17.30 -12.79
N GLN A 60 -17.55 17.26 -13.36
CA GLN A 60 -17.70 17.14 -14.81
C GLN A 60 -18.59 18.26 -15.38
N GLU A 61 -18.40 18.56 -16.65
CA GLU A 61 -19.16 19.61 -17.33
C GLU A 61 -18.98 20.93 -16.59
N THR A 62 -17.72 21.24 -16.30
CA THR A 62 -17.36 22.47 -15.60
C THR A 62 -17.60 23.70 -16.47
N LYS A 63 -17.54 23.51 -17.79
CA LYS A 63 -17.75 24.59 -18.76
C LYS A 63 -17.16 25.90 -18.27
N CYS A 64 -15.83 25.93 -18.09
CA CYS A 64 -15.18 27.13 -17.61
C CYS A 64 -13.67 27.03 -17.77
N ALA A 65 -13.10 27.97 -18.52
CA ALA A 65 -11.66 27.99 -18.73
C ALA A 65 -10.99 28.16 -17.37
N GLU A 66 -9.82 27.55 -17.21
CA GLU A 66 -9.11 27.65 -15.94
C GLU A 66 -8.91 29.11 -15.55
N LYS A 67 -8.60 29.94 -16.53
CA LYS A 67 -8.38 31.37 -16.27
C LYS A 67 -9.62 32.06 -15.71
N ALA A 68 -10.79 31.48 -15.96
CA ALA A 68 -12.04 32.06 -15.49
C ALA A 68 -12.63 31.39 -14.25
N LEU A 69 -11.93 30.40 -13.71
CA LEU A 69 -12.42 29.70 -12.53
C LEU A 69 -12.64 30.66 -11.37
N PRO A 70 -13.79 30.54 -10.70
CA PRO A 70 -14.03 31.44 -9.57
C PRO A 70 -13.01 31.17 -8.47
N ALA A 71 -12.50 32.25 -7.88
CA ALA A 71 -11.52 32.14 -6.81
C ALA A 71 -12.02 31.29 -5.66
N ASP A 72 -13.34 31.17 -5.54
CA ASP A 72 -13.95 30.39 -4.47
C ASP A 72 -13.54 28.93 -4.51
N ILE A 73 -13.32 28.40 -5.71
CA ILE A 73 -12.93 27.00 -5.83
C ILE A 73 -11.43 26.80 -5.95
N THR A 74 -10.75 27.66 -6.72
CA THR A 74 -9.30 27.53 -6.88
C THR A 74 -8.54 27.79 -5.59
N ALA A 75 -9.18 28.44 -4.63
CA ALA A 75 -8.53 28.76 -3.37
C ALA A 75 -8.95 27.89 -2.19
N MET A 76 -9.72 26.85 -2.44
CA MET A 76 -10.13 25.97 -1.34
C MET A 76 -8.90 25.40 -0.68
N PRO A 77 -8.68 25.72 0.60
CA PRO A 77 -7.51 25.23 1.34
C PRO A 77 -7.57 23.72 1.56
N GLU A 78 -8.78 23.17 1.55
CA GLU A 78 -8.99 21.75 1.77
C GLU A 78 -8.41 20.87 0.68
N TYR A 79 -8.37 21.38 -0.54
CA TYR A 79 -7.83 20.62 -1.67
C TYR A 79 -6.62 21.32 -2.29
N PRO A 80 -5.44 21.07 -1.73
CA PRO A 80 -4.17 21.66 -2.20
C PRO A 80 -3.81 21.33 -3.65
N HIS A 81 -4.17 20.13 -4.10
CA HIS A 81 -3.86 19.68 -5.46
C HIS A 81 -5.09 19.65 -6.34
N LYS A 82 -5.21 20.65 -7.21
CA LYS A 82 -6.36 20.73 -8.11
C LYS A 82 -5.94 20.57 -9.56
N TYR A 83 -6.73 19.83 -10.34
CA TYR A 83 -6.39 19.60 -11.75
C TYR A 83 -7.59 19.94 -12.63
N TRP A 84 -7.34 20.71 -13.68
CA TRP A 84 -8.41 21.13 -14.57
C TRP A 84 -8.16 20.69 -15.99
N ALA A 85 -9.21 20.12 -16.60
CA ALA A 85 -9.12 19.67 -17.97
C ALA A 85 -10.20 20.38 -18.76
N GLY A 86 -9.82 21.46 -19.44
CA GLY A 86 -10.79 22.21 -20.23
C GLY A 86 -10.67 21.96 -21.72
N SER A 87 -11.55 22.59 -22.49
CA SER A 87 -11.55 22.46 -23.95
C SER A 87 -10.51 23.39 -24.56
N GLU A 88 -9.97 22.99 -25.71
CA GLU A 88 -8.94 23.75 -26.41
C GLU A 88 -8.95 25.28 -26.28
N ASP A 89 -9.87 25.95 -26.99
CA ASP A 89 -9.92 27.42 -26.92
C ASP A 89 -10.87 27.98 -25.87
N LYS A 90 -10.77 27.49 -24.64
CA LYS A 90 -11.61 27.96 -23.54
C LYS A 90 -13.10 27.89 -23.86
N GLU A 91 -13.49 26.88 -24.63
CA GLU A 91 -14.87 26.68 -25.03
C GLU A 91 -15.68 26.23 -23.82
N GLY A 92 -16.99 26.40 -23.89
CA GLY A 92 -17.85 26.01 -22.79
C GLY A 92 -18.32 24.56 -22.87
N TYR A 93 -17.66 23.77 -23.70
CA TYR A 93 -18.05 22.36 -23.83
C TYR A 93 -17.27 21.48 -22.86
N SER A 94 -17.99 20.58 -22.19
CA SER A 94 -17.38 19.64 -21.27
C SER A 94 -16.55 20.31 -20.18
N GLY A 95 -15.34 19.77 -19.98
CA GLY A 95 -14.45 20.29 -18.97
C GLY A 95 -14.66 19.48 -17.70
N VAL A 96 -13.57 18.92 -17.17
CA VAL A 96 -13.64 18.13 -15.95
C VAL A 96 -12.55 18.60 -15.00
N ALA A 97 -12.68 18.23 -13.73
CA ALA A 97 -11.71 18.64 -12.73
C ALA A 97 -11.57 17.61 -11.63
N MET A 98 -10.42 17.63 -10.97
CA MET A 98 -10.16 16.73 -9.87
C MET A 98 -9.43 17.50 -8.78
N LEU A 99 -10.03 17.55 -7.60
CA LEU A 99 -9.43 18.25 -6.46
C LEU A 99 -9.05 17.18 -5.44
N CYS A 100 -7.78 17.11 -5.08
CA CYS A 100 -7.28 16.11 -4.14
C CYS A 100 -6.65 16.68 -2.87
N LYS A 101 -6.81 15.95 -1.77
CA LYS A 101 -6.22 16.33 -0.49
C LYS A 101 -4.78 15.85 -0.46
N THR A 102 -4.51 14.79 -1.21
CA THR A 102 -3.18 14.22 -1.31
C THR A 102 -2.73 14.27 -2.76
N GLU A 103 -1.48 14.70 -2.99
CA GLU A 103 -1.01 14.76 -4.36
C GLU A 103 -0.79 13.37 -4.97
N PRO A 104 -1.38 13.13 -6.15
CA PRO A 104 -1.18 11.81 -6.75
C PRO A 104 0.24 11.68 -7.31
N LEU A 105 0.64 10.46 -7.63
CA LEU A 105 1.98 10.19 -8.17
C LEU A 105 2.14 10.83 -9.54
N ASN A 106 1.07 10.80 -10.33
CA ASN A 106 1.10 11.36 -11.67
C ASN A 106 -0.30 11.63 -12.19
N VAL A 107 -0.47 12.77 -12.83
CA VAL A 107 -1.76 13.14 -13.38
C VAL A 107 -1.64 13.34 -14.88
N THR A 108 -2.52 12.71 -15.63
CA THR A 108 -2.49 12.85 -17.08
C THR A 108 -3.86 13.26 -17.60
N TYR A 109 -3.87 13.95 -18.71
CA TYR A 109 -5.12 14.43 -19.30
C TYR A 109 -5.42 13.76 -20.63
N GLY A 110 -6.70 13.47 -20.85
CA GLY A 110 -7.12 12.84 -22.10
C GLY A 110 -6.91 11.34 -22.10
N ILE A 111 -7.13 10.72 -23.25
CA ILE A 111 -6.94 9.28 -23.35
C ILE A 111 -5.95 8.94 -24.46
N GLY A 112 -5.09 9.89 -24.79
CA GLY A 112 -4.09 9.65 -25.81
C GLY A 112 -4.58 9.60 -27.24
N LYS A 113 -5.49 10.50 -27.58
CA LYS A 113 -6.03 10.57 -28.93
C LYS A 113 -6.54 11.98 -29.12
N GLU A 114 -5.82 12.77 -29.91
CA GLU A 114 -6.21 14.17 -30.12
C GLU A 114 -7.65 14.34 -30.60
N GLU A 115 -8.22 13.26 -31.12
CA GLU A 115 -9.59 13.26 -31.61
C GLU A 115 -10.56 13.46 -30.43
N HIS A 116 -10.21 12.89 -29.29
CA HIS A 116 -11.05 12.97 -28.10
C HIS A 116 -10.52 13.92 -27.04
N ASP A 117 -9.26 14.32 -27.16
CA ASP A 117 -8.67 15.18 -26.16
C ASP A 117 -8.82 16.68 -26.44
N LYS A 118 -9.64 17.02 -27.41
CA LYS A 118 -9.84 18.43 -27.72
C LYS A 118 -10.97 19.04 -26.88
N GLU A 119 -11.56 18.24 -25.99
CA GLU A 119 -12.67 18.72 -25.17
C GLU A 119 -12.54 18.65 -23.66
N GLY A 120 -11.40 18.20 -23.14
CA GLY A 120 -11.27 18.12 -21.70
C GLY A 120 -12.38 17.26 -21.12
N ARG A 121 -12.25 15.95 -21.28
CA ARG A 121 -13.25 15.02 -20.80
C ARG A 121 -12.73 14.02 -19.77
N VAL A 122 -11.41 13.89 -19.67
CA VAL A 122 -10.83 12.92 -18.75
C VAL A 122 -9.58 13.36 -18.00
N ILE A 123 -9.49 12.95 -16.74
CA ILE A 123 -8.32 13.22 -15.91
C ILE A 123 -8.02 11.89 -15.24
N THR A 124 -6.77 11.48 -15.29
CA THR A 124 -6.36 10.23 -14.67
C THR A 124 -5.32 10.52 -13.60
N ALA A 125 -5.64 10.14 -12.37
CA ALA A 125 -4.72 10.35 -11.27
C ALA A 125 -4.15 9.00 -10.88
N GLU A 126 -2.83 8.87 -10.91
CA GLU A 126 -2.23 7.61 -10.53
C GLU A 126 -1.76 7.70 -9.09
N PHE A 127 -2.25 6.79 -8.27
CA PHE A 127 -1.86 6.71 -6.87
C PHE A 127 -1.07 5.41 -6.72
N PRO A 128 -0.46 5.19 -5.55
CA PRO A 128 0.31 3.97 -5.34
C PRO A 128 -0.41 2.67 -5.69
N ASP A 129 -1.64 2.50 -5.21
CA ASP A 129 -2.37 1.26 -5.45
C ASP A 129 -3.43 1.26 -6.53
N PHE A 130 -3.75 2.41 -7.11
CA PHE A 130 -4.78 2.43 -8.14
C PHE A 130 -4.80 3.72 -8.95
N PHE A 131 -5.52 3.67 -10.07
CA PHE A 131 -5.69 4.83 -10.94
C PHE A 131 -7.09 5.37 -10.70
N LEU A 132 -7.22 6.69 -10.58
CA LEU A 132 -8.53 7.30 -10.41
C LEU A 132 -8.80 8.06 -11.70
N VAL A 133 -9.79 7.63 -12.44
CA VAL A 133 -10.15 8.27 -13.69
C VAL A 133 -11.52 8.92 -13.55
N THR A 134 -11.63 10.19 -13.89
CA THR A 134 -12.93 10.84 -13.84
C THR A 134 -13.21 11.24 -15.27
N ALA A 135 -14.44 11.00 -15.73
CA ALA A 135 -14.76 11.31 -17.11
C ALA A 135 -16.10 11.95 -17.36
N TYR A 136 -16.19 12.62 -18.50
CA TYR A 136 -17.42 13.24 -18.96
C TYR A 136 -17.58 12.67 -20.36
N VAL A 137 -18.35 11.60 -20.46
CA VAL A 137 -18.58 10.91 -21.72
C VAL A 137 -19.39 11.73 -22.72
N PRO A 138 -18.96 11.77 -23.97
CA PRO A 138 -19.69 12.54 -24.99
C PRO A 138 -21.14 12.11 -25.15
N ASN A 139 -22.04 13.10 -25.03
CA ASN A 139 -23.47 12.89 -25.15
C ASN A 139 -23.86 12.67 -26.61
N ALA A 140 -24.68 11.65 -26.86
CA ALA A 140 -25.12 11.35 -28.22
C ALA A 140 -25.92 12.50 -28.81
N SER A 141 -26.24 13.46 -27.94
CA SER A 141 -26.98 14.67 -28.27
C SER A 141 -28.28 14.55 -29.07
N ARG A 142 -28.85 15.72 -29.32
CA ARG A 142 -30.09 15.91 -30.06
C ARG A 142 -30.16 15.03 -31.30
N GLY A 143 -31.29 14.37 -31.48
CA GLY A 143 -31.48 13.49 -32.62
C GLY A 143 -30.34 12.54 -32.91
N LEU A 144 -29.62 12.12 -31.87
CA LEU A 144 -28.52 11.18 -32.03
C LEU A 144 -27.51 11.61 -33.11
N VAL A 145 -27.43 12.91 -33.39
CA VAL A 145 -26.52 13.39 -34.43
C VAL A 145 -25.06 13.10 -34.14
N ARG A 146 -24.75 12.76 -32.90
CA ARG A 146 -23.37 12.49 -32.53
C ARG A 146 -23.19 11.06 -32.00
N LEU A 147 -24.13 10.19 -32.35
CA LEU A 147 -24.06 8.81 -31.90
C LEU A 147 -22.86 8.06 -32.44
N ASP A 148 -22.49 8.34 -33.69
CA ASP A 148 -21.33 7.64 -34.28
C ASP A 148 -20.06 7.98 -33.53
N TYR A 149 -19.84 9.27 -33.29
CA TYR A 149 -18.65 9.68 -32.56
C TYR A 149 -18.66 9.00 -31.20
N ARG A 150 -19.81 9.02 -30.52
CA ARG A 150 -19.94 8.39 -29.21
C ARG A 150 -19.53 6.92 -29.28
N LYS A 151 -19.89 6.25 -30.37
CA LYS A 151 -19.54 4.84 -30.52
C LYS A 151 -18.01 4.72 -30.62
N THR A 152 -17.38 5.63 -31.35
CA THR A 152 -15.93 5.61 -31.49
C THR A 152 -15.36 5.80 -30.09
N TRP A 153 -15.84 6.83 -29.40
CA TRP A 153 -15.40 7.13 -28.05
C TRP A 153 -15.44 5.91 -27.14
N ASP A 154 -16.58 5.23 -27.09
CA ASP A 154 -16.70 4.06 -26.22
C ASP A 154 -15.63 3.03 -26.49
N VAL A 155 -15.27 2.86 -27.76
CA VAL A 155 -14.25 1.88 -28.12
C VAL A 155 -12.88 2.28 -27.57
N ASP A 156 -12.46 3.49 -27.89
CA ASP A 156 -11.16 3.98 -27.46
C ASP A 156 -11.05 4.10 -25.95
N PHE A 157 -12.10 4.64 -25.34
CA PHE A 157 -12.12 4.84 -23.90
C PHE A 157 -12.03 3.49 -23.21
N ARG A 158 -12.69 2.48 -23.79
CA ARG A 158 -12.64 1.16 -23.19
C ARG A 158 -11.21 0.63 -23.30
N ALA A 159 -10.61 0.84 -24.46
CA ALA A 159 -9.24 0.38 -24.68
C ALA A 159 -8.33 1.08 -23.69
N TYR A 160 -8.53 2.39 -23.53
CA TYR A 160 -7.73 3.20 -22.60
C TYR A 160 -7.81 2.66 -21.18
N LEU A 161 -9.03 2.42 -20.70
CA LEU A 161 -9.24 1.92 -19.35
C LEU A 161 -8.63 0.53 -19.19
N CYS A 162 -8.68 -0.27 -20.26
CA CYS A 162 -8.11 -1.60 -20.20
C CYS A 162 -6.59 -1.49 -20.11
N GLY A 163 -6.04 -0.50 -20.79
CA GLY A 163 -4.61 -0.29 -20.75
C GLY A 163 -4.17 -0.07 -19.31
N LEU A 164 -4.80 0.89 -18.65
CA LEU A 164 -4.49 1.21 -17.27
C LEU A 164 -4.72 0.02 -16.34
N ASP A 165 -5.86 -0.63 -16.51
CA ASP A 165 -6.23 -1.76 -15.67
C ASP A 165 -5.18 -2.88 -15.65
N ALA A 166 -4.49 -3.06 -16.77
CA ALA A 166 -3.49 -4.10 -16.87
C ALA A 166 -2.27 -3.79 -15.99
N ARG A 167 -2.10 -2.51 -15.65
CA ARG A 167 -1.00 -2.07 -14.83
C ARG A 167 -1.37 -1.96 -13.35
N LYS A 168 -2.47 -1.27 -13.06
CA LYS A 168 -2.98 -1.11 -11.70
C LYS A 168 -4.51 -1.12 -11.74
N PRO A 169 -5.15 -1.48 -10.60
CA PRO A 169 -6.61 -1.50 -10.55
C PRO A 169 -7.04 -0.03 -10.63
N LEU A 170 -8.26 0.22 -11.06
CA LEU A 170 -8.71 1.60 -11.18
C LEU A 170 -10.16 1.83 -10.75
N VAL A 171 -10.47 3.09 -10.47
CA VAL A 171 -11.80 3.51 -10.10
C VAL A 171 -12.18 4.54 -11.16
N LEU A 172 -13.28 4.31 -11.86
CA LEU A 172 -13.73 5.23 -12.88
C LEU A 172 -15.00 5.91 -12.40
N CYS A 173 -15.03 7.24 -12.38
CA CYS A 173 -16.22 7.94 -11.93
C CYS A 173 -16.55 9.08 -12.88
N GLY A 174 -17.79 9.52 -12.84
CA GLY A 174 -18.21 10.62 -13.68
C GLY A 174 -19.54 10.39 -14.36
N ASP A 175 -19.88 11.30 -15.27
CA ASP A 175 -21.10 11.22 -16.04
C ASP A 175 -20.74 10.40 -17.27
N LEU A 176 -21.16 9.14 -17.28
CA LEU A 176 -20.85 8.26 -18.39
C LEU A 176 -21.92 8.32 -19.48
N ASN A 177 -22.87 9.24 -19.30
CA ASN A 177 -23.96 9.45 -20.24
C ASN A 177 -24.68 8.22 -20.78
N VAL A 178 -25.13 7.39 -19.85
CA VAL A 178 -25.88 6.20 -20.24
C VAL A 178 -26.58 5.62 -19.05
N ALA A 179 -27.81 5.17 -19.27
CA ALA A 179 -28.57 4.51 -18.23
C ALA A 179 -28.37 3.08 -18.72
N HIS A 180 -27.52 2.34 -18.03
CA HIS A 180 -27.19 0.97 -18.41
C HIS A 180 -28.38 0.09 -18.76
N GLN A 181 -29.27 -0.09 -17.79
CA GLN A 181 -30.43 -0.94 -17.98
C GLN A 181 -31.75 -0.21 -17.70
N GLU A 182 -32.85 -0.89 -17.97
CA GLU A 182 -34.17 -0.31 -17.77
C GLU A 182 -34.35 0.21 -16.35
N ILE A 183 -33.75 -0.47 -15.38
CA ILE A 183 -33.88 -0.05 -14.00
C ILE A 183 -33.15 1.28 -13.74
N ASP A 184 -32.32 1.72 -14.67
CA ASP A 184 -31.56 2.96 -14.49
C ASP A 184 -32.22 4.27 -14.95
N LEU A 185 -33.49 4.19 -15.36
CA LEU A 185 -34.24 5.39 -15.74
C LEU A 185 -35.74 5.16 -15.53
N LYS A 186 -36.48 6.25 -15.35
CA LYS A 186 -37.90 6.15 -15.10
C LYS A 186 -38.72 5.73 -16.32
N ASN A 187 -38.36 6.23 -17.49
CA ASN A 187 -39.08 5.91 -18.71
C ASN A 187 -38.27 5.23 -19.81
N PRO A 188 -37.99 3.93 -19.62
CA PRO A 188 -37.22 3.13 -20.58
C PRO A 188 -37.81 3.20 -22.00
N LYS A 189 -39.04 2.73 -22.14
CA LYS A 189 -39.71 2.69 -23.44
C LYS A 189 -39.69 3.99 -24.22
N GLY A 190 -39.98 5.10 -23.55
CA GLY A 190 -40.01 6.38 -24.24
C GLY A 190 -38.66 6.93 -24.63
N ASN A 191 -37.58 6.35 -24.10
CA ASN A 191 -36.24 6.87 -24.40
C ASN A 191 -35.29 5.94 -25.16
N ARG A 192 -35.78 4.81 -25.66
CA ARG A 192 -34.95 3.88 -26.41
C ARG A 192 -34.26 4.48 -27.63
N LYS A 193 -34.73 5.63 -28.08
CA LYS A 193 -34.12 6.25 -29.24
C LYS A 193 -33.56 7.62 -28.93
N ASN A 194 -33.40 7.89 -27.64
CA ASN A 194 -32.85 9.17 -27.20
C ASN A 194 -31.45 8.95 -26.63
N ALA A 195 -30.62 9.98 -26.71
CA ALA A 195 -29.25 9.91 -26.22
C ALA A 195 -29.25 9.47 -24.77
N GLY A 196 -28.38 8.51 -24.45
CA GLY A 196 -28.29 8.00 -23.10
C GLY A 196 -28.95 6.66 -22.89
N PHE A 197 -29.78 6.24 -23.84
CA PHE A 197 -30.45 4.96 -23.70
C PHE A 197 -30.62 4.22 -25.04
N THR A 198 -29.80 4.57 -26.03
CA THR A 198 -29.88 3.88 -27.30
C THR A 198 -29.27 2.51 -27.04
N PRO A 199 -29.63 1.50 -27.85
CA PRO A 199 -29.06 0.16 -27.65
C PRO A 199 -27.54 0.21 -27.72
N GLU A 200 -27.03 1.04 -28.62
CA GLU A 200 -25.59 1.20 -28.81
C GLU A 200 -24.85 1.68 -27.57
N GLU A 201 -25.36 2.74 -26.94
CA GLU A 201 -24.72 3.27 -25.74
C GLU A 201 -24.77 2.23 -24.63
N ARG A 202 -25.92 1.59 -24.47
CA ARG A 202 -26.11 0.54 -23.46
C ARG A 202 -25.09 -0.58 -23.66
N GLU A 203 -25.01 -1.07 -24.91
CA GLU A 203 -24.08 -2.14 -25.26
C GLU A 203 -22.64 -1.72 -24.92
N GLY A 204 -22.30 -0.47 -25.23
CA GLY A 204 -20.98 0.04 -24.95
C GLY A 204 -20.63 -0.09 -23.48
N PHE A 205 -21.55 0.29 -22.61
CA PHE A 205 -21.34 0.22 -21.17
C PHE A 205 -21.23 -1.25 -20.76
N THR A 206 -22.09 -2.08 -21.34
CA THR A 206 -22.06 -3.50 -21.02
C THR A 206 -20.71 -4.08 -21.41
N GLN A 207 -20.21 -3.68 -22.58
CA GLN A 207 -18.91 -4.17 -23.03
C GLN A 207 -17.81 -3.78 -22.04
N LEU A 208 -17.88 -2.56 -21.52
CA LEU A 208 -16.88 -2.10 -20.55
C LEU A 208 -16.87 -2.97 -19.31
N LEU A 209 -18.04 -3.26 -18.77
CA LEU A 209 -18.12 -4.09 -17.57
C LEU A 209 -17.57 -5.49 -17.84
N GLU A 210 -17.84 -6.02 -19.03
CA GLU A 210 -17.36 -7.35 -19.36
C GLU A 210 -15.86 -7.37 -19.60
N ALA A 211 -15.26 -6.19 -19.65
CA ALA A 211 -13.82 -6.12 -19.85
C ALA A 211 -13.13 -6.25 -18.50
N GLY A 212 -13.91 -6.49 -17.44
CA GLY A 212 -13.35 -6.64 -16.11
C GLY A 212 -13.67 -5.53 -15.12
N PHE A 213 -14.84 -4.92 -15.26
CA PHE A 213 -15.22 -3.83 -14.36
C PHE A 213 -16.62 -4.05 -13.76
N THR A 214 -16.88 -3.37 -12.64
CA THR A 214 -18.15 -3.52 -11.95
C THR A 214 -18.82 -2.19 -11.64
N ASP A 215 -20.12 -2.14 -11.85
CA ASP A 215 -20.93 -0.95 -11.56
C ASP A 215 -21.15 -0.99 -10.04
N SER A 216 -20.36 -0.23 -9.30
CA SER A 216 -20.43 -0.23 -7.83
C SER A 216 -21.82 -0.21 -7.24
N PHE A 217 -22.60 0.82 -7.59
CA PHE A 217 -23.94 0.94 -7.02
C PHE A 217 -24.84 -0.25 -7.33
N ARG A 218 -24.93 -0.64 -8.60
CA ARG A 218 -25.78 -1.77 -8.94
C ARG A 218 -25.28 -3.06 -8.27
N GLU A 219 -23.98 -3.12 -8.03
CA GLU A 219 -23.37 -4.29 -7.40
C GLU A 219 -23.82 -4.43 -5.94
N LEU A 220 -23.98 -3.31 -5.26
CA LEU A 220 -24.41 -3.30 -3.86
C LEU A 220 -25.93 -3.35 -3.70
N TYR A 221 -26.65 -2.76 -4.65
CA TYR A 221 -28.11 -2.70 -4.61
C TYR A 221 -28.67 -3.12 -5.95
N PRO A 222 -28.57 -4.42 -6.26
CA PRO A 222 -29.06 -5.00 -7.52
C PRO A 222 -30.54 -4.84 -7.85
N ASP A 223 -31.39 -4.71 -6.83
CA ASP A 223 -32.82 -4.58 -7.07
C ASP A 223 -33.39 -3.21 -6.75
N GLN A 224 -32.51 -2.28 -6.40
CA GLN A 224 -32.92 -0.94 -6.05
C GLN A 224 -33.30 -0.07 -7.27
N ALA A 225 -34.60 0.13 -7.47
CA ALA A 225 -35.09 0.94 -8.59
C ALA A 225 -35.31 2.37 -8.13
N TYR A 226 -35.60 3.25 -9.08
CA TYR A 226 -35.85 4.66 -8.79
C TYR A 226 -34.66 5.43 -8.24
N ALA A 227 -33.46 4.86 -8.41
CA ALA A 227 -32.24 5.50 -7.93
C ALA A 227 -31.60 6.19 -9.12
N TYR A 228 -31.74 7.51 -9.17
CA TYR A 228 -31.21 8.30 -10.26
C TYR A 228 -30.19 9.34 -9.81
N THR A 229 -29.43 9.86 -10.76
CA THR A 229 -28.42 10.88 -10.46
C THR A 229 -28.65 12.10 -11.35
N PHE A 230 -29.63 12.01 -12.23
CA PHE A 230 -29.95 13.10 -13.15
C PHE A 230 -31.44 13.23 -13.43
N TRP A 231 -31.91 14.47 -13.48
CA TRP A 231 -33.31 14.76 -13.76
C TRP A 231 -33.28 16.04 -14.57
N THR A 232 -33.95 16.07 -15.71
CA THR A 232 -33.97 17.29 -16.50
C THR A 232 -34.55 18.42 -15.65
N TYR A 233 -34.05 19.63 -15.84
CA TYR A 233 -34.55 20.78 -15.09
C TYR A 233 -36.00 21.03 -15.44
N MET A 234 -36.37 20.68 -16.66
CA MET A 234 -37.73 20.88 -17.14
C MET A 234 -38.82 19.99 -16.54
N MET A 235 -40.05 20.49 -16.62
CA MET A 235 -41.23 19.78 -16.14
C MET A 235 -41.13 19.24 -14.73
N ASN A 236 -40.41 19.93 -13.86
CA ASN A 236 -40.28 19.50 -12.47
C ASN A 236 -39.90 18.03 -12.35
N ALA A 237 -39.13 17.53 -13.30
CA ALA A 237 -38.72 16.13 -13.29
C ALA A 237 -38.19 15.69 -11.93
N ARG A 238 -37.27 16.45 -11.36
CA ARG A 238 -36.69 16.10 -10.07
C ARG A 238 -37.73 15.97 -8.95
N SER A 239 -38.73 16.84 -8.96
CA SER A 239 -39.77 16.77 -7.95
C SER A 239 -40.56 15.47 -8.06
N LYS A 240 -40.74 14.99 -9.29
CA LYS A 240 -41.48 13.76 -9.51
C LYS A 240 -40.53 12.55 -9.52
N ASN A 241 -39.24 12.83 -9.37
CA ASN A 241 -38.20 11.81 -9.41
C ASN A 241 -38.22 11.06 -10.74
N VAL A 242 -38.44 11.79 -11.82
CA VAL A 242 -38.42 11.20 -13.15
C VAL A 242 -36.99 11.48 -13.62
N GLY A 243 -36.09 10.54 -13.38
CA GLY A 243 -34.71 10.76 -13.77
C GLY A 243 -33.98 9.58 -14.36
N TRP A 244 -32.65 9.75 -14.50
CA TRP A 244 -31.78 8.73 -15.05
C TRP A 244 -30.59 8.55 -14.13
N ARG A 245 -29.98 7.38 -14.21
CA ARG A 245 -28.78 7.11 -13.43
C ARG A 245 -27.66 7.18 -14.47
N LEU A 246 -27.05 8.34 -14.58
CA LEU A 246 -26.01 8.58 -15.56
C LEU A 246 -24.62 8.64 -14.96
N ASP A 247 -24.55 8.82 -13.64
CA ASP A 247 -23.28 8.94 -12.94
C ASP A 247 -22.94 7.68 -12.17
N TYR A 248 -21.73 7.16 -12.43
CA TYR A 248 -21.30 5.92 -11.81
C TYR A 248 -19.91 5.94 -11.20
N PHE A 249 -19.65 4.85 -10.48
CA PHE A 249 -18.37 4.58 -9.88
C PHE A 249 -18.19 3.15 -10.40
N VAL A 250 -17.38 3.01 -11.45
CA VAL A 250 -17.09 1.73 -12.06
C VAL A 250 -15.72 1.31 -11.55
N LEU A 251 -15.65 0.12 -10.96
CA LEU A 251 -14.41 -0.40 -10.39
C LEU A 251 -13.85 -1.61 -11.09
N SER A 252 -12.52 -1.72 -11.10
CA SER A 252 -11.87 -2.89 -11.66
C SER A 252 -12.43 -3.95 -10.73
N SER A 253 -12.92 -5.06 -11.29
CA SER A 253 -13.52 -6.10 -10.47
C SER A 253 -12.59 -6.51 -9.32
N ALA A 254 -11.28 -6.47 -9.56
CA ALA A 254 -10.32 -6.84 -8.53
C ALA A 254 -10.52 -6.05 -7.25
N LEU A 255 -11.00 -4.82 -7.38
CA LEU A 255 -11.23 -3.95 -6.24
C LEU A 255 -12.51 -4.22 -5.46
N LEU A 256 -13.38 -5.10 -5.97
CA LEU A 256 -14.63 -5.41 -5.28
C LEU A 256 -14.51 -5.67 -3.79
N PRO A 257 -13.63 -6.60 -3.39
CA PRO A 257 -13.52 -6.85 -1.94
C PRO A 257 -13.24 -5.59 -1.12
N GLY A 258 -12.70 -4.57 -1.78
CA GLY A 258 -12.39 -3.33 -1.09
C GLY A 258 -13.53 -2.31 -1.16
N LEU A 259 -14.60 -2.67 -1.86
CA LEU A 259 -15.75 -1.78 -1.99
C LEU A 259 -16.59 -1.76 -0.71
N CYS A 260 -16.89 -0.56 -0.21
CA CYS A 260 -17.69 -0.41 0.99
C CYS A 260 -19.10 0.09 0.67
N ASP A 261 -19.20 1.18 -0.08
CA ASP A 261 -20.51 1.72 -0.41
C ASP A 261 -20.42 2.68 -1.59
N SER A 262 -21.54 2.81 -2.31
CA SER A 262 -21.64 3.70 -3.46
C SER A 262 -22.94 4.47 -3.23
N LYS A 263 -22.81 5.75 -2.89
CA LYS A 263 -23.97 6.57 -2.58
C LYS A 263 -24.41 7.50 -3.68
N ILE A 264 -25.70 7.84 -3.61
CA ILE A 264 -26.35 8.77 -4.53
C ILE A 264 -26.91 9.84 -3.59
N ARG A 265 -26.29 11.01 -3.57
CA ARG A 265 -26.71 12.11 -2.69
C ARG A 265 -27.78 12.96 -3.34
N ASN A 266 -28.94 12.36 -3.62
CA ASN A 266 -30.01 13.09 -4.30
C ASN A 266 -30.65 14.27 -3.58
N THR A 267 -30.22 14.57 -2.35
CA THR A 267 -30.79 15.72 -1.65
C THR A 267 -29.92 16.96 -1.87
N ALA A 268 -28.72 16.77 -2.43
CA ALA A 268 -27.83 17.89 -2.68
C ALA A 268 -28.25 18.57 -3.98
N MET A 269 -28.45 19.88 -3.92
CA MET A 269 -28.90 20.65 -5.07
C MET A 269 -27.78 21.47 -5.75
N GLY A 270 -28.13 22.13 -6.85
CA GLY A 270 -27.15 22.94 -7.54
C GLY A 270 -26.88 22.60 -8.99
N SER A 271 -27.38 21.47 -9.46
CA SER A 271 -27.18 21.06 -10.84
C SER A 271 -28.35 20.19 -11.20
N ASP A 272 -28.43 19.73 -12.45
CA ASP A 272 -29.52 18.84 -12.82
C ASP A 272 -29.06 17.40 -12.49
N HIS A 273 -27.87 17.30 -11.89
CA HIS A 273 -27.31 16.02 -11.45
C HIS A 273 -27.06 16.16 -9.96
N CYS A 274 -27.01 15.04 -9.25
CA CYS A 274 -26.72 15.13 -7.84
C CYS A 274 -25.36 14.43 -7.69
N PRO A 275 -24.66 14.68 -6.58
CA PRO A 275 -23.38 13.97 -6.52
C PRO A 275 -23.52 12.49 -6.15
N ILE A 276 -22.44 11.73 -6.34
CA ILE A 276 -22.40 10.33 -5.96
C ILE A 276 -21.11 10.24 -5.18
N THR A 277 -21.10 9.38 -4.17
CA THR A 277 -19.91 9.24 -3.35
C THR A 277 -19.56 7.79 -3.16
N LEU A 278 -18.25 7.51 -3.20
CA LEU A 278 -17.76 6.15 -3.07
C LEU A 278 -16.88 5.97 -1.83
N PHE A 279 -17.17 4.92 -1.07
CA PHE A 279 -16.37 4.59 0.10
C PHE A 279 -15.58 3.33 -0.28
N LEU A 280 -14.26 3.41 -0.17
CA LEU A 280 -13.39 2.33 -0.55
C LEU A 280 -12.31 2.01 0.48
N ALA A 281 -11.82 0.78 0.40
CA ALA A 281 -10.74 0.30 1.25
C ALA A 281 -9.60 0.04 0.26
N VAL A 282 -8.65 0.96 0.20
CA VAL A 282 -7.52 0.81 -0.72
C VAL A 282 -6.25 0.41 0.00
N HIS B 3 -10.38 40.00 14.23
CA HIS B 3 -9.20 39.53 15.01
C HIS B 3 -8.54 38.30 14.37
N MET B 4 -7.31 37.99 14.79
CA MET B 4 -6.56 36.85 14.29
C MET B 4 -5.12 36.91 14.80
N GLU B 5 -4.43 35.79 14.74
CA GLU B 5 -3.04 35.75 15.18
C GLU B 5 -2.14 35.92 13.97
N ALA B 6 -1.21 36.86 14.06
CA ALA B 6 -0.29 37.13 12.95
C ALA B 6 0.70 35.99 12.69
N PRO B 7 1.03 35.77 11.42
CA PRO B 7 1.96 34.71 11.03
C PRO B 7 3.43 35.15 11.21
N ILE B 8 4.25 34.28 11.77
CA ILE B 8 5.65 34.60 11.99
C ILE B 8 6.49 33.88 10.94
N LEU B 9 6.98 34.66 9.97
CA LEU B 9 7.79 34.12 8.89
C LEU B 9 9.26 33.97 9.25
N TYR B 10 9.97 33.15 8.49
CA TYR B 10 11.38 32.91 8.72
C TYR B 10 12.23 33.22 7.49
N GLU B 11 13.28 34.01 7.68
CA GLU B 11 14.16 34.35 6.59
C GLU B 11 15.52 33.70 6.86
N ASP B 12 15.89 32.74 6.03
CA ASP B 12 17.16 32.04 6.21
C ASP B 12 18.32 33.02 6.06
N PRO B 13 19.21 33.06 7.06
CA PRO B 13 20.38 33.95 7.09
C PRO B 13 21.30 33.74 5.90
N PRO B 14 22.16 34.73 5.60
CA PRO B 14 23.07 34.61 4.47
C PRO B 14 24.02 33.43 4.70
N GLU B 15 24.55 32.86 3.63
CA GLU B 15 25.44 31.72 3.73
C GLU B 15 26.78 32.06 4.38
N LYS B 16 27.20 31.25 5.36
CA LYS B 16 28.48 31.45 6.03
C LYS B 16 29.42 30.52 5.30
N LEU B 17 30.33 31.11 4.52
CA LEU B 17 31.24 30.32 3.72
C LEU B 17 32.61 30.06 4.34
N THR B 18 32.68 30.10 5.67
CA THR B 18 33.92 29.84 6.39
C THR B 18 33.64 28.83 7.49
N SER B 19 34.44 27.77 7.55
CA SER B 19 34.25 26.73 8.54
C SER B 19 34.61 27.19 9.95
N LYS B 20 34.27 26.37 10.94
CA LYS B 20 34.56 26.69 12.32
C LYS B 20 36.06 26.86 12.51
N ASP B 21 36.87 26.05 11.82
CA ASP B 21 38.31 26.16 11.94
C ASP B 21 38.96 27.14 10.95
N GLY B 22 38.15 27.96 10.30
CA GLY B 22 38.70 28.96 9.39
C GLY B 22 38.88 28.67 7.91
N ARG B 23 38.50 27.48 7.47
CA ARG B 23 38.67 27.16 6.05
C ARG B 23 37.51 27.64 5.20
N ALA B 24 37.74 27.71 3.90
CA ALA B 24 36.72 28.14 2.96
C ALA B 24 35.87 26.94 2.56
N ALA B 25 34.55 27.14 2.49
CA ALA B 25 33.65 26.06 2.11
C ALA B 25 34.02 25.54 0.74
N ASN B 26 34.18 24.23 0.60
CA ASN B 26 34.54 23.65 -0.69
C ASN B 26 33.64 22.45 -1.05
N MET B 27 32.65 22.18 -0.20
CA MET B 27 31.72 21.08 -0.37
C MET B 27 30.30 21.56 -0.08
N LYS B 28 29.36 21.15 -0.92
CA LYS B 28 27.97 21.56 -0.79
C LYS B 28 27.07 20.33 -0.94
N ILE B 29 26.32 20.01 0.12
CA ILE B 29 25.41 18.89 0.08
C ILE B 29 23.97 19.34 0.31
N THR B 30 23.09 18.93 -0.60
CA THR B 30 21.69 19.30 -0.50
C THR B 30 20.86 18.04 -0.24
N SER B 31 19.83 18.19 0.59
CA SER B 31 18.93 17.11 0.93
C SER B 31 17.53 17.64 0.69
N TRP B 32 16.67 16.79 0.14
CA TRP B 32 15.31 17.23 -0.17
C TRP B 32 14.28 16.10 -0.25
N ASN B 33 13.27 16.18 0.60
CA ASN B 33 12.18 15.20 0.58
C ASN B 33 11.31 15.80 -0.51
N VAL B 34 11.24 15.11 -1.64
CA VAL B 34 10.50 15.62 -2.78
C VAL B 34 9.04 15.17 -2.85
N ASP B 35 8.63 14.34 -1.90
CA ASP B 35 7.25 13.85 -1.86
C ASP B 35 6.71 13.51 -3.24
N GLY B 36 7.26 12.47 -3.85
CA GLY B 36 6.82 12.10 -5.18
C GLY B 36 7.74 12.76 -6.20
N LEU B 37 8.78 12.05 -6.61
CA LEU B 37 9.76 12.60 -7.55
C LEU B 37 9.20 12.94 -8.92
N ARG B 38 8.33 12.09 -9.49
CA ARG B 38 7.75 12.40 -10.80
C ARG B 38 7.09 13.78 -10.76
N ALA B 39 6.25 14.02 -9.76
CA ALA B 39 5.56 15.29 -9.62
C ALA B 39 6.53 16.44 -9.34
N TRP B 40 7.52 16.17 -8.48
CA TRP B 40 8.52 17.16 -8.12
C TRP B 40 9.24 17.62 -9.39
N VAL B 41 9.59 16.67 -10.25
CA VAL B 41 10.26 16.98 -11.51
C VAL B 41 9.38 17.82 -12.43
N LYS B 42 8.11 17.44 -12.55
CA LYS B 42 7.22 18.20 -13.41
C LYS B 42 7.04 19.59 -12.85
N LYS B 43 7.22 19.72 -11.54
CA LYS B 43 7.09 21.02 -10.90
C LYS B 43 8.42 21.78 -10.94
N ASN B 44 9.32 21.30 -11.80
CA ASN B 44 10.62 21.90 -12.03
C ASN B 44 11.66 21.90 -10.92
N GLY B 45 11.59 20.91 -10.04
CA GLY B 45 12.57 20.83 -8.96
C GLY B 45 13.99 20.83 -9.47
N LEU B 46 14.23 20.17 -10.60
CA LEU B 46 15.58 20.11 -11.16
C LEU B 46 16.14 21.50 -11.49
N ASP B 47 15.27 22.42 -11.86
CA ASP B 47 15.73 23.78 -12.15
C ASP B 47 16.38 24.34 -10.88
N TRP B 48 15.70 24.19 -9.75
CA TRP B 48 16.25 24.70 -8.50
C TRP B 48 17.56 24.02 -8.16
N VAL B 49 17.63 22.71 -8.39
CA VAL B 49 18.85 21.96 -8.10
C VAL B 49 20.03 22.54 -8.89
N ARG B 50 19.81 22.85 -10.16
CA ARG B 50 20.88 23.40 -10.98
C ARG B 50 21.29 24.78 -10.47
N LYS B 51 20.37 25.51 -9.88
CA LYS B 51 20.66 26.83 -9.32
C LYS B 51 21.50 26.68 -8.04
N GLU B 52 21.23 25.62 -7.29
CA GLU B 52 21.96 25.36 -6.05
C GLU B 52 23.30 24.73 -6.42
N ASP B 53 23.27 23.86 -7.43
CA ASP B 53 24.45 23.17 -7.92
C ASP B 53 25.25 22.48 -6.82
N PRO B 54 24.57 21.64 -6.01
CA PRO B 54 25.29 20.94 -4.95
C PRO B 54 26.23 19.89 -5.49
N ASP B 55 27.23 19.50 -4.70
CA ASP B 55 28.19 18.49 -5.10
C ASP B 55 27.53 17.13 -4.96
N ILE B 56 26.59 17.03 -4.03
CA ILE B 56 25.85 15.81 -3.81
C ILE B 56 24.40 16.17 -3.49
N LEU B 57 23.47 15.52 -4.18
CA LEU B 57 22.05 15.75 -3.97
C LEU B 57 21.41 14.48 -3.40
N CYS B 58 20.77 14.60 -2.25
CA CYS B 58 20.10 13.47 -1.63
C CYS B 58 18.59 13.72 -1.68
N LEU B 59 17.83 12.70 -2.06
CA LEU B 59 16.38 12.84 -2.15
C LEU B 59 15.67 11.79 -1.31
N GLN B 60 14.52 12.17 -0.74
CA GLN B 60 13.72 11.25 0.06
C GLN B 60 12.28 11.29 -0.44
N GLU B 61 11.56 10.19 -0.23
CA GLU B 61 10.17 10.06 -0.68
C GLU B 61 10.06 10.23 -2.18
N THR B 62 10.92 9.53 -2.92
CA THR B 62 10.92 9.60 -4.37
C THR B 62 9.65 8.95 -4.90
N LYS B 63 9.24 7.88 -4.24
CA LYS B 63 8.03 7.15 -4.58
C LYS B 63 8.01 6.84 -6.05
N CYS B 64 9.11 6.33 -6.55
CA CYS B 64 9.19 6.00 -7.97
C CYS B 64 10.24 4.92 -8.20
N ALA B 65 9.81 3.79 -8.76
CA ALA B 65 10.72 2.70 -9.06
C ALA B 65 11.79 3.25 -9.99
N GLU B 66 13.01 2.77 -9.85
CA GLU B 66 14.12 3.23 -10.68
C GLU B 66 13.76 3.17 -12.16
N LYS B 67 12.98 2.17 -12.53
CA LYS B 67 12.57 2.00 -13.92
C LYS B 67 11.59 3.08 -14.39
N ALA B 68 10.86 3.69 -13.45
CA ALA B 68 9.88 4.72 -13.80
C ALA B 68 10.44 6.13 -13.70
N LEU B 69 11.69 6.25 -13.28
CA LEU B 69 12.34 7.55 -13.16
C LEU B 69 12.34 8.29 -14.49
N PRO B 70 11.90 9.55 -14.48
CA PRO B 70 11.88 10.31 -15.73
C PRO B 70 13.32 10.52 -16.22
N ALA B 71 13.49 10.54 -17.54
CA ALA B 71 14.81 10.71 -18.13
C ALA B 71 15.42 12.06 -17.78
N ASP B 72 14.57 13.01 -17.40
CA ASP B 72 15.04 14.33 -17.02
C ASP B 72 16.04 14.25 -15.88
N ILE B 73 15.83 13.32 -14.96
CA ILE B 73 16.73 13.21 -13.83
C ILE B 73 17.80 12.13 -13.99
N THR B 74 17.43 10.97 -14.53
CA THR B 74 18.43 9.91 -14.67
C THR B 74 19.51 10.31 -15.65
N ALA B 75 19.17 11.22 -16.56
CA ALA B 75 20.11 11.68 -17.57
C ALA B 75 20.85 12.98 -17.23
N MET B 76 20.70 13.47 -16.01
CA MET B 76 21.39 14.69 -15.60
C MET B 76 22.89 14.53 -15.69
N PRO B 77 23.55 15.37 -16.50
CA PRO B 77 25.01 15.35 -16.69
C PRO B 77 25.74 15.74 -15.42
N GLU B 78 25.14 16.64 -14.65
CA GLU B 78 25.71 17.13 -13.40
C GLU B 78 26.13 16.04 -12.41
N TYR B 79 25.40 14.93 -12.41
CA TYR B 79 25.71 13.85 -11.47
C TYR B 79 25.88 12.52 -12.19
N PRO B 80 27.11 12.21 -12.62
CA PRO B 80 27.38 10.96 -13.32
C PRO B 80 27.23 9.72 -12.47
N HIS B 81 27.11 9.91 -11.16
CA HIS B 81 26.96 8.78 -10.25
C HIS B 81 25.68 8.93 -9.45
N LYS B 82 24.67 8.16 -9.85
CA LYS B 82 23.36 8.21 -9.23
C LYS B 82 23.02 6.86 -8.60
N TYR B 83 22.49 6.91 -7.39
CA TYR B 83 22.12 5.69 -6.68
C TYR B 83 20.67 5.77 -6.23
N TRP B 84 19.92 4.71 -6.51
CA TRP B 84 18.51 4.67 -6.17
C TRP B 84 18.18 3.48 -5.28
N ALA B 85 17.40 3.74 -4.25
CA ALA B 85 17.00 2.69 -3.31
C ALA B 85 15.50 2.61 -3.21
N GLY B 86 15.02 1.42 -2.82
CA GLY B 86 13.59 1.21 -2.67
C GLY B 86 12.88 1.51 -3.94
N SER B 87 13.65 1.64 -5.02
CA SER B 87 13.11 1.92 -6.34
C SER B 87 12.21 0.75 -6.78
N GLU B 88 11.29 0.39 -5.90
CA GLU B 88 10.33 -0.68 -6.13
C GLU B 88 8.96 -0.06 -6.37
N ASP B 89 8.33 -0.43 -7.47
CA ASP B 89 7.02 0.10 -7.83
C ASP B 89 5.96 -0.36 -6.82
N LYS B 90 6.18 -1.54 -6.24
CA LYS B 90 5.27 -2.15 -5.28
C LYS B 90 5.22 -1.50 -3.91
N GLU B 91 6.16 -0.62 -3.62
CA GLU B 91 6.18 0.07 -2.33
C GLU B 91 6.25 1.58 -2.55
N GLY B 92 5.46 2.07 -3.50
CA GLY B 92 5.43 3.49 -3.82
C GLY B 92 5.34 4.49 -2.67
N TYR B 93 5.62 4.04 -1.45
CA TYR B 93 5.59 4.93 -0.28
C TYR B 93 6.95 4.92 0.43
N SER B 94 7.99 5.14 -0.35
CA SER B 94 9.36 5.15 0.17
C SER B 94 10.26 5.61 -0.96
N GLY B 95 11.50 5.16 -0.96
CA GLY B 95 12.42 5.53 -2.01
C GLY B 95 13.31 6.72 -1.70
N VAL B 96 14.60 6.51 -1.85
CA VAL B 96 15.59 7.54 -1.60
C VAL B 96 16.59 7.54 -2.75
N ALA B 97 17.39 8.60 -2.85
CA ALA B 97 18.37 8.70 -3.91
C ALA B 97 19.52 9.62 -3.55
N MET B 98 20.68 9.36 -4.15
CA MET B 98 21.86 10.17 -3.95
C MET B 98 22.52 10.36 -5.31
N LEU B 99 22.63 11.62 -5.74
CA LEU B 99 23.27 11.93 -7.01
C LEU B 99 24.59 12.64 -6.68
N CYS B 100 25.70 12.00 -7.00
CA CYS B 100 27.02 12.55 -6.71
C CYS B 100 27.78 13.02 -7.95
N LYS B 101 28.54 14.11 -7.80
CA LYS B 101 29.36 14.60 -8.90
C LYS B 101 30.64 13.77 -8.92
N THR B 102 31.00 13.24 -7.74
CA THR B 102 32.18 12.41 -7.58
C THR B 102 31.77 11.04 -7.10
N GLU B 103 32.37 10.01 -7.67
CA GLU B 103 32.05 8.63 -7.30
C GLU B 103 32.65 8.22 -5.97
N PRO B 104 31.81 7.78 -5.03
CA PRO B 104 32.29 7.35 -3.73
C PRO B 104 33.03 6.02 -3.81
N LEU B 105 33.73 5.67 -2.74
CA LEU B 105 34.50 4.43 -2.68
C LEU B 105 33.58 3.22 -2.70
N ASN B 106 32.41 3.38 -2.09
CA ASN B 106 31.45 2.30 -2.01
C ASN B 106 30.08 2.83 -1.58
N VAL B 107 29.02 2.28 -2.17
CA VAL B 107 27.67 2.71 -1.85
C VAL B 107 26.87 1.51 -1.38
N THR B 108 26.21 1.63 -0.24
CA THR B 108 25.40 0.54 0.28
C THR B 108 23.95 0.95 0.50
N TYR B 109 23.06 -0.04 0.59
CA TYR B 109 21.66 0.23 0.77
C TYR B 109 21.13 -0.35 2.08
N GLY B 110 20.31 0.42 2.77
CA GLY B 110 19.77 -0.05 4.03
C GLY B 110 20.76 0.12 5.17
N ILE B 111 20.50 -0.58 6.27
CA ILE B 111 21.38 -0.49 7.43
C ILE B 111 21.85 -1.85 7.92
N GLY B 112 21.81 -2.85 7.06
CA GLY B 112 22.25 -4.18 7.46
C GLY B 112 21.27 -4.97 8.31
N LYS B 113 19.99 -4.66 8.20
CA LYS B 113 18.95 -5.37 8.96
C LYS B 113 17.82 -5.61 7.95
N GLU B 114 17.77 -6.81 7.41
CA GLU B 114 16.76 -7.13 6.41
C GLU B 114 15.34 -6.76 6.78
N GLU B 115 15.00 -6.79 8.06
CA GLU B 115 13.64 -6.43 8.44
C GLU B 115 13.38 -4.94 8.28
N HIS B 116 14.44 -4.17 8.04
CA HIS B 116 14.31 -2.72 7.86
C HIS B 116 14.63 -2.31 6.43
N ASP B 117 15.42 -3.13 5.75
CA ASP B 117 15.86 -2.82 4.40
C ASP B 117 14.95 -3.23 3.25
N LYS B 118 13.70 -3.58 3.56
CA LYS B 118 12.77 -3.95 2.49
C LYS B 118 12.14 -2.70 1.89
N GLU B 119 12.23 -1.59 2.62
CA GLU B 119 11.73 -0.31 2.16
C GLU B 119 12.98 0.53 1.85
N GLY B 120 13.00 1.16 0.70
CA GLY B 120 14.14 1.97 0.31
C GLY B 120 14.19 3.26 1.09
N ARG B 121 14.88 3.22 2.23
CA ARG B 121 14.98 4.38 3.10
C ARG B 121 16.39 4.93 3.33
N VAL B 122 17.42 4.10 3.11
CA VAL B 122 18.78 4.54 3.38
C VAL B 122 19.85 4.20 2.34
N ILE B 123 20.64 5.21 1.98
CA ILE B 123 21.74 5.02 1.05
C ILE B 123 22.96 5.58 1.77
N THR B 124 24.04 4.81 1.77
CA THR B 124 25.26 5.21 2.44
C THR B 124 26.42 5.21 1.45
N ALA B 125 26.99 6.39 1.23
CA ALA B 125 28.12 6.55 0.33
C ALA B 125 29.38 6.72 1.16
N GLU B 126 30.42 5.97 0.83
CA GLU B 126 31.66 6.07 1.57
C GLU B 126 32.69 6.84 0.78
N PHE B 127 33.30 7.82 1.42
CA PHE B 127 34.35 8.62 0.80
C PHE B 127 35.61 8.41 1.63
N PRO B 128 36.77 8.86 1.12
CA PRO B 128 38.02 8.69 1.86
C PRO B 128 37.98 9.17 3.31
N ASP B 129 37.43 10.36 3.53
CA ASP B 129 37.39 10.97 4.86
C ASP B 129 36.12 10.78 5.70
N PHE B 130 34.99 10.45 5.07
CA PHE B 130 33.77 10.32 5.84
C PHE B 130 32.67 9.60 5.09
N PHE B 131 31.61 9.26 5.80
CA PHE B 131 30.45 8.61 5.21
C PHE B 131 29.38 9.66 5.04
N LEU B 132 28.56 9.50 4.02
CA LEU B 132 27.43 10.38 3.82
C LEU B 132 26.25 9.43 3.85
N VAL B 133 25.36 9.64 4.82
CA VAL B 133 24.17 8.80 4.95
C VAL B 133 22.93 9.66 4.75
N THR B 134 22.06 9.26 3.83
CA THR B 134 20.83 9.99 3.63
C THR B 134 19.73 9.01 3.99
N ALA B 135 18.68 9.51 4.63
CA ALA B 135 17.65 8.61 5.08
C ALA B 135 16.25 9.19 5.12
N TYR B 136 15.30 8.30 4.90
CA TYR B 136 13.90 8.63 4.96
C TYR B 136 13.38 7.74 6.08
N VAL B 137 13.45 8.27 7.30
CA VAL B 137 13.03 7.57 8.49
C VAL B 137 11.55 7.19 8.45
N PRO B 138 11.21 6.00 8.99
CA PRO B 138 9.82 5.53 9.03
C PRO B 138 8.90 6.45 9.82
N ASN B 139 7.85 6.92 9.18
CA ASN B 139 6.88 7.79 9.83
C ASN B 139 6.01 6.96 10.81
N ALA B 140 5.82 7.45 12.03
CA ALA B 140 5.03 6.71 13.03
C ALA B 140 3.62 6.50 12.52
N SER B 141 3.26 7.32 11.54
CA SER B 141 1.99 7.34 10.83
C SER B 141 0.71 7.57 11.64
N ARG B 142 -0.39 7.61 10.91
CA ARG B 142 -1.74 7.83 11.43
C ARG B 142 -2.05 7.00 12.67
N GLY B 143 -2.54 7.66 13.70
CA GLY B 143 -2.88 6.98 14.94
C GLY B 143 -1.71 6.25 15.55
N LEU B 144 -0.50 6.71 15.23
CA LEU B 144 0.72 6.10 15.77
C LEU B 144 0.73 4.60 15.58
N VAL B 145 0.00 4.11 14.57
CA VAL B 145 -0.05 2.68 14.32
C VAL B 145 1.30 2.06 13.94
N ARG B 146 2.34 2.87 13.81
CA ARG B 146 3.64 2.32 13.47
C ARG B 146 4.72 2.79 14.45
N LEU B 147 4.30 3.36 15.57
CA LEU B 147 5.24 3.86 16.57
C LEU B 147 6.16 2.80 17.18
N ASP B 148 5.64 1.58 17.40
CA ASP B 148 6.47 0.53 17.96
C ASP B 148 7.62 0.25 17.01
N TYR B 149 7.29 0.00 15.75
CA TYR B 149 8.32 -0.26 14.76
C TYR B 149 9.29 0.91 14.67
N ARG B 150 8.77 2.13 14.77
CA ARG B 150 9.62 3.32 14.69
C ARG B 150 10.63 3.34 15.85
N LYS B 151 10.20 2.85 17.00
CA LYS B 151 11.08 2.80 18.17
C LYS B 151 12.22 1.80 17.94
N THR B 152 11.88 0.67 17.32
CA THR B 152 12.89 -0.35 17.03
C THR B 152 13.84 0.21 15.98
N TRP B 153 13.28 0.89 14.98
CA TRP B 153 14.08 1.50 13.93
C TRP B 153 15.12 2.45 14.50
N ASP B 154 14.68 3.39 15.35
CA ASP B 154 15.58 4.37 15.96
C ASP B 154 16.76 3.70 16.65
N VAL B 155 16.48 2.63 17.37
CA VAL B 155 17.51 1.88 18.08
C VAL B 155 18.49 1.29 17.08
N ASP B 156 17.97 0.56 16.09
CA ASP B 156 18.81 -0.06 15.09
C ASP B 156 19.56 0.95 14.22
N PHE B 157 18.86 1.98 13.77
CA PHE B 157 19.51 2.98 12.93
C PHE B 157 20.64 3.64 13.70
N ARG B 158 20.41 3.96 14.97
CA ARG B 158 21.43 4.58 15.81
C ARG B 158 22.65 3.65 15.93
N ALA B 159 22.39 2.36 16.12
CA ALA B 159 23.45 1.39 16.23
C ALA B 159 24.28 1.44 14.95
N TYR B 160 23.57 1.38 13.82
CA TYR B 160 24.20 1.42 12.51
C TYR B 160 25.09 2.65 12.34
N LEU B 161 24.56 3.82 12.72
CA LEU B 161 25.31 5.06 12.61
C LEU B 161 26.55 5.07 13.53
N CYS B 162 26.39 4.56 14.75
CA CYS B 162 27.52 4.52 15.67
C CYS B 162 28.58 3.57 15.14
N GLY B 163 28.14 2.52 14.46
CA GLY B 163 29.08 1.59 13.87
C GLY B 163 29.93 2.31 12.84
N LEU B 164 29.26 3.00 11.91
CA LEU B 164 29.96 3.73 10.86
C LEU B 164 30.87 4.80 11.44
N ASP B 165 30.36 5.48 12.46
CA ASP B 165 31.10 6.56 13.11
C ASP B 165 32.41 6.05 13.71
N ALA B 166 32.43 4.79 14.10
CA ALA B 166 33.63 4.19 14.67
C ALA B 166 34.73 4.07 13.62
N ARG B 167 34.34 3.91 12.36
CA ARG B 167 35.29 3.77 11.26
C ARG B 167 35.73 5.11 10.68
N LYS B 168 34.75 5.96 10.36
CA LYS B 168 35.01 7.29 9.82
C LYS B 168 33.92 8.23 10.25
N PRO B 169 34.17 9.54 10.20
CA PRO B 169 33.16 10.52 10.59
C PRO B 169 32.02 10.43 9.57
N LEU B 170 30.84 10.93 9.90
CA LEU B 170 29.74 10.86 8.96
C LEU B 170 28.79 12.05 8.99
N VAL B 171 28.12 12.25 7.87
CA VAL B 171 27.11 13.29 7.74
C VAL B 171 25.83 12.50 7.48
N LEU B 172 24.82 12.71 8.33
CA LEU B 172 23.54 12.05 8.19
C LEU B 172 22.60 13.15 7.74
N CYS B 173 21.85 12.90 6.67
CA CYS B 173 20.91 13.91 6.20
C CYS B 173 19.65 13.27 5.71
N GLY B 174 18.57 14.04 5.70
CA GLY B 174 17.32 13.53 5.22
C GLY B 174 16.13 13.92 6.07
N ASP B 175 15.02 13.26 5.80
CA ASP B 175 13.78 13.47 6.51
C ASP B 175 13.82 12.47 7.65
N LEU B 176 14.11 12.97 8.84
CA LEU B 176 14.21 12.11 10.01
C LEU B 176 12.88 11.98 10.77
N ASN B 177 11.80 12.48 10.15
CA ASN B 177 10.45 12.41 10.71
C ASN B 177 10.32 12.59 12.22
N VAL B 178 10.88 13.70 12.70
CA VAL B 178 10.84 14.05 14.10
C VAL B 178 11.25 15.51 14.22
N ALA B 179 10.50 16.27 15.01
CA ALA B 179 10.82 17.66 15.30
C ALA B 179 11.40 17.48 16.70
N HIS B 180 12.71 17.50 16.79
CA HIS B 180 13.41 17.27 18.05
C HIS B 180 12.85 18.01 19.28
N GLN B 181 12.80 19.32 19.20
CA GLN B 181 12.30 20.11 20.32
C GLN B 181 11.12 20.97 19.93
N GLU B 182 10.51 21.59 20.92
CA GLU B 182 9.35 22.44 20.70
C GLU B 182 9.64 23.58 19.76
N ILE B 183 10.87 24.07 19.78
CA ILE B 183 11.25 25.15 18.89
C ILE B 183 11.27 24.64 17.45
N ASP B 184 11.22 23.33 17.28
CA ASP B 184 11.26 22.73 15.94
C ASP B 184 9.92 22.56 15.24
N LEU B 185 8.85 23.10 15.82
CA LEU B 185 7.54 23.05 15.20
C LEU B 185 6.61 24.11 15.78
N LYS B 186 5.76 24.65 14.91
CA LYS B 186 4.83 25.70 15.28
C LYS B 186 3.82 25.33 16.38
N ASN B 187 3.22 24.15 16.29
CA ASN B 187 2.22 23.75 17.29
C ASN B 187 2.62 22.51 18.07
N PRO B 188 3.53 22.66 19.04
CA PRO B 188 3.94 21.49 19.82
C PRO B 188 2.81 20.92 20.69
N LYS B 189 1.92 21.80 21.15
CA LYS B 189 0.81 21.38 22.00
C LYS B 189 -0.18 20.47 21.31
N GLY B 190 -0.56 20.82 20.08
CA GLY B 190 -1.51 19.99 19.37
C GLY B 190 -0.93 18.79 18.65
N ASN B 191 0.38 18.57 18.74
CA ASN B 191 0.99 17.45 18.04
C ASN B 191 1.71 16.40 18.87
N ARG B 192 1.72 16.56 20.19
CA ARG B 192 2.40 15.63 21.08
C ARG B 192 1.98 14.18 20.95
N LYS B 193 0.83 13.95 20.34
CA LYS B 193 0.35 12.58 20.15
C LYS B 193 0.35 12.23 18.67
N ASN B 194 0.99 13.07 17.87
CA ASN B 194 1.06 12.82 16.43
C ASN B 194 2.43 12.35 15.97
N ALA B 195 2.41 11.56 14.90
CA ALA B 195 3.63 11.06 14.30
C ALA B 195 4.59 12.23 14.09
N GLY B 196 5.80 12.10 14.60
CA GLY B 196 6.77 13.17 14.41
C GLY B 196 7.09 13.97 15.66
N PHE B 197 6.15 14.03 16.60
CA PHE B 197 6.41 14.77 17.81
C PHE B 197 6.01 14.05 19.09
N THR B 198 6.09 12.72 19.08
CA THR B 198 5.76 11.95 20.26
C THR B 198 7.02 11.94 21.14
N PRO B 199 6.84 11.75 22.45
CA PRO B 199 7.96 11.71 23.39
C PRO B 199 9.02 10.69 22.95
N GLU B 200 8.54 9.53 22.53
CA GLU B 200 9.41 8.44 22.09
C GLU B 200 10.31 8.80 20.91
N GLU B 201 9.75 9.47 19.91
CA GLU B 201 10.55 9.85 18.76
C GLU B 201 11.55 10.90 19.16
N ARG B 202 11.10 11.89 19.93
CA ARG B 202 12.00 12.96 20.38
C ARG B 202 13.15 12.40 21.21
N GLU B 203 12.86 11.44 22.08
CA GLU B 203 13.89 10.83 22.92
C GLU B 203 14.89 10.11 22.01
N GLY B 204 14.38 9.37 21.03
CA GLY B 204 15.24 8.65 20.10
C GLY B 204 16.27 9.58 19.46
N PHE B 205 15.83 10.76 19.06
CA PHE B 205 16.72 11.73 18.43
C PHE B 205 17.70 12.29 19.48
N THR B 206 17.19 12.57 20.67
CA THR B 206 18.06 13.08 21.73
C THR B 206 19.18 12.06 21.95
N GLN B 207 18.80 10.79 22.04
CA GLN B 207 19.79 9.74 22.25
C GLN B 207 20.79 9.64 21.11
N LEU B 208 20.35 9.82 19.87
CA LEU B 208 21.28 9.78 18.75
C LEU B 208 22.33 10.87 18.92
N LEU B 209 21.88 12.07 19.25
CA LEU B 209 22.81 13.17 19.43
C LEU B 209 23.79 12.89 20.57
N GLU B 210 23.27 12.31 21.66
CA GLU B 210 24.11 12.00 22.81
C GLU B 210 25.04 10.81 22.53
N ALA B 211 24.92 10.24 21.33
CA ALA B 211 25.77 9.13 20.96
C ALA B 211 27.01 9.71 20.30
N GLY B 212 27.08 11.03 20.24
CA GLY B 212 28.23 11.70 19.67
C GLY B 212 27.99 12.44 18.37
N PHE B 213 26.75 12.84 18.13
CA PHE B 213 26.41 13.56 16.90
C PHE B 213 25.80 14.93 17.16
N THR B 214 25.90 15.82 16.17
CA THR B 214 25.41 17.18 16.31
C THR B 214 24.45 17.66 15.23
N ASP B 215 23.37 18.31 15.68
CA ASP B 215 22.35 18.87 14.81
C ASP B 215 22.94 20.17 14.26
N SER B 216 23.53 20.09 13.06
CA SER B 216 24.18 21.24 12.43
C SER B 216 23.45 22.56 12.50
N PHE B 217 22.19 22.58 12.06
CA PHE B 217 21.43 23.82 12.09
C PHE B 217 21.20 24.34 13.51
N ARG B 218 20.90 23.45 14.44
CA ARG B 218 20.67 23.88 15.81
C ARG B 218 21.97 24.34 16.48
N GLU B 219 23.09 23.77 16.04
CA GLU B 219 24.41 24.11 16.58
C GLU B 219 24.82 25.52 16.15
N LEU B 220 24.43 25.91 14.94
CA LEU B 220 24.78 27.22 14.42
C LEU B 220 23.76 28.27 14.82
N TYR B 221 22.50 27.84 14.98
CA TYR B 221 21.43 28.76 15.36
C TYR B 221 20.59 28.14 16.47
N PRO B 222 21.17 28.04 17.67
CA PRO B 222 20.51 27.46 18.84
C PRO B 222 19.22 28.16 19.30
N ASP B 223 19.08 29.44 18.94
CA ASP B 223 17.90 30.20 19.36
C ASP B 223 16.93 30.56 18.25
N GLN B 224 17.27 30.22 17.01
CA GLN B 224 16.40 30.54 15.88
C GLN B 224 15.17 29.64 15.87
N ALA B 225 14.03 30.24 16.12
CA ALA B 225 12.76 29.52 16.12
C ALA B 225 12.10 29.78 14.76
N TYR B 226 10.97 29.12 14.54
CA TYR B 226 10.21 29.28 13.31
C TYR B 226 10.92 28.80 12.05
N ALA B 227 12.02 28.06 12.21
CA ALA B 227 12.76 27.55 11.07
C ALA B 227 12.30 26.14 10.78
N TYR B 228 11.48 25.99 9.74
CA TYR B 228 10.92 24.70 9.40
C TYR B 228 11.33 24.24 8.01
N THR B 229 11.23 22.94 7.78
CA THR B 229 11.58 22.34 6.51
C THR B 229 10.38 21.60 5.91
N PHE B 230 9.28 21.58 6.66
CA PHE B 230 8.07 20.91 6.22
C PHE B 230 6.83 21.71 6.62
N TRP B 231 5.81 21.68 5.76
CA TRP B 231 4.55 22.35 6.03
C TRP B 231 3.47 21.52 5.36
N THR B 232 2.45 21.15 6.12
CA THR B 232 1.40 20.36 5.52
C THR B 232 0.81 21.15 4.37
N TYR B 233 0.53 20.45 3.27
CA TYR B 233 -0.07 21.10 2.10
C TYR B 233 -1.42 21.67 2.49
N MET B 234 -2.04 21.08 3.50
CA MET B 234 -3.35 21.51 3.96
C MET B 234 -3.40 22.89 4.63
N MET B 235 -4.53 23.56 4.44
CA MET B 235 -4.83 24.86 5.02
C MET B 235 -3.79 25.97 4.87
N ASN B 236 -3.23 26.10 3.68
CA ASN B 236 -2.23 27.13 3.41
C ASN B 236 -1.22 27.25 4.53
N ALA B 237 -0.88 26.12 5.14
CA ALA B 237 0.07 26.12 6.22
C ALA B 237 1.40 26.81 5.87
N ARG B 238 1.98 26.50 4.72
CA ARG B 238 3.26 27.12 4.40
C ARG B 238 3.19 28.63 4.27
N SER B 239 2.15 29.16 3.65
CA SER B 239 2.05 30.60 3.49
C SER B 239 1.95 31.29 4.85
N LYS B 240 1.61 30.51 5.87
CA LYS B 240 1.48 31.02 7.23
C LYS B 240 2.72 30.57 8.03
N ASN B 241 3.59 29.81 7.38
CA ASN B 241 4.78 29.27 8.01
C ASN B 241 4.43 28.46 9.25
N VAL B 242 3.35 27.68 9.14
CA VAL B 242 2.93 26.81 10.23
C VAL B 242 3.51 25.42 9.89
N GLY B 243 4.75 25.17 10.31
CA GLY B 243 5.37 23.90 9.97
C GLY B 243 6.18 23.16 11.01
N TRP B 244 7.03 22.26 10.53
CA TRP B 244 7.91 21.43 11.35
C TRP B 244 9.28 21.39 10.71
N ARG B 245 10.28 21.13 11.54
CA ARG B 245 11.65 21.00 11.07
C ARG B 245 11.91 19.50 11.20
N LEU B 246 11.80 18.81 10.07
CA LEU B 246 11.97 17.36 10.02
C LEU B 246 13.21 16.93 9.25
N ASP B 247 13.82 17.88 8.54
CA ASP B 247 14.98 17.60 7.73
C ASP B 247 16.23 18.19 8.36
N TYR B 248 17.21 17.31 8.59
CA TYR B 248 18.44 17.69 9.24
C TYR B 248 19.73 17.26 8.53
N PHE B 249 20.82 17.81 9.05
CA PHE B 249 22.18 17.49 8.63
C PHE B 249 22.82 17.27 10.00
N VAL B 250 22.98 16.01 10.38
CA VAL B 250 23.57 15.62 11.65
C VAL B 250 25.01 15.20 11.41
N LEU B 251 25.94 15.80 12.15
CA LEU B 251 27.36 15.49 11.98
C LEU B 251 28.02 14.87 13.19
N SER B 252 28.96 13.97 12.93
CA SER B 252 29.71 13.37 14.02
C SER B 252 30.65 14.47 14.50
N SER B 253 31.03 14.43 15.77
CA SER B 253 31.91 15.45 16.34
C SER B 253 33.09 15.89 15.48
N ALA B 254 33.85 14.92 14.98
CA ALA B 254 35.03 15.22 14.17
C ALA B 254 34.83 16.07 12.93
N LEU B 255 33.59 16.25 12.50
CA LEU B 255 33.32 17.06 11.31
C LEU B 255 32.93 18.50 11.61
N LEU B 256 32.68 18.79 12.89
CA LEU B 256 32.31 20.14 13.28
C LEU B 256 33.34 21.19 12.89
N PRO B 257 34.65 20.87 13.04
CA PRO B 257 35.64 21.90 12.66
C PRO B 257 35.47 22.34 11.21
N GLY B 258 34.98 21.43 10.37
CA GLY B 258 34.78 21.73 8.97
C GLY B 258 33.40 22.28 8.62
N LEU B 259 32.53 22.40 9.62
CA LEU B 259 31.18 22.91 9.39
C LEU B 259 31.17 24.41 9.09
N CYS B 260 30.59 24.80 7.96
CA CYS B 260 30.49 26.19 7.60
C CYS B 260 29.08 26.72 7.86
N ASP B 261 28.09 26.08 7.23
CA ASP B 261 26.72 26.51 7.42
C ASP B 261 25.75 25.38 7.14
N SER B 262 24.53 25.55 7.63
CA SER B 262 23.46 24.58 7.46
C SER B 262 22.27 25.47 7.18
N LYS B 263 21.88 25.54 5.91
CA LYS B 263 20.80 26.41 5.48
C LYS B 263 19.45 25.71 5.21
N ILE B 264 18.38 26.49 5.29
CA ILE B 264 17.03 25.98 5.03
C ILE B 264 16.46 26.83 3.90
N ARG B 265 16.39 26.25 2.70
CA ARG B 265 15.89 26.98 1.54
C ARG B 265 14.38 26.94 1.51
N ASN B 266 13.75 27.65 2.44
CA ASN B 266 12.30 27.66 2.56
C ASN B 266 11.62 28.41 1.42
N THR B 267 12.42 28.84 0.45
CA THR B 267 11.91 29.57 -0.70
C THR B 267 11.71 28.66 -1.92
N ALA B 268 12.41 27.53 -1.93
CA ALA B 268 12.30 26.59 -3.02
C ALA B 268 11.00 25.78 -2.91
N MET B 269 10.18 25.82 -3.96
CA MET B 269 8.90 25.11 -3.97
C MET B 269 9.00 23.77 -4.68
N GLY B 270 7.86 23.07 -4.76
CA GLY B 270 7.83 21.79 -5.45
C GLY B 270 7.53 20.58 -4.60
N SER B 271 7.39 20.79 -3.29
CA SER B 271 7.09 19.70 -2.37
C SER B 271 6.54 20.32 -1.09
N ASP B 272 6.17 19.50 -0.12
CA ASP B 272 5.69 20.05 1.14
C ASP B 272 6.89 20.22 2.08
N HIS B 273 8.05 19.80 1.59
CA HIS B 273 9.30 19.94 2.33
C HIS B 273 10.09 20.88 1.44
N CYS B 274 11.02 21.64 2.03
CA CYS B 274 11.86 22.51 1.23
C CYS B 274 13.24 21.88 1.32
N PRO B 275 14.16 22.25 0.43
CA PRO B 275 15.47 21.61 0.55
C PRO B 275 16.31 22.24 1.65
N ILE B 276 17.31 21.49 2.12
CA ILE B 276 18.25 21.99 3.13
C ILE B 276 19.64 21.79 2.53
N THR B 277 20.52 22.78 2.72
CA THR B 277 21.86 22.69 2.18
C THR B 277 22.94 22.87 3.23
N LEU B 278 23.91 21.95 3.17
CA LEU B 278 25.04 21.92 4.08
C LEU B 278 26.30 22.42 3.38
N PHE B 279 27.04 23.30 4.04
CA PHE B 279 28.30 23.82 3.49
C PHE B 279 29.42 23.31 4.39
N LEU B 280 30.33 22.56 3.80
CA LEU B 280 31.45 22.01 4.55
C LEU B 280 32.79 22.37 3.93
N ALA B 281 33.83 22.24 4.74
CA ALA B 281 35.18 22.50 4.31
C ALA B 281 35.82 21.13 4.51
N VAL B 282 36.12 20.46 3.40
CA VAL B 282 36.73 19.14 3.49
C VAL B 282 37.97 19.08 2.61
N PRO C 7 -16.85 -19.83 -12.22
CA PRO C 7 -16.42 -20.46 -10.95
C PRO C 7 -15.48 -21.65 -11.18
N ILE C 8 -14.22 -21.36 -11.43
CA ILE C 8 -13.22 -22.39 -11.68
C ILE C 8 -12.95 -23.20 -10.41
N LEU C 9 -13.16 -24.51 -10.50
CA LEU C 9 -12.94 -25.42 -9.38
C LEU C 9 -11.62 -26.17 -9.51
N TYR C 10 -11.24 -26.88 -8.45
CA TYR C 10 -9.98 -27.63 -8.46
C TYR C 10 -10.10 -29.00 -7.81
N GLU C 11 -9.73 -30.03 -8.56
CA GLU C 11 -9.75 -31.39 -8.03
C GLU C 11 -8.28 -31.77 -7.85
N ASP C 12 -7.93 -32.19 -6.64
CA ASP C 12 -6.56 -32.56 -6.35
C ASP C 12 -6.25 -33.88 -7.07
N PRO C 13 -5.13 -33.93 -7.81
CA PRO C 13 -4.72 -35.13 -8.54
C PRO C 13 -4.62 -36.34 -7.63
N PRO C 14 -4.59 -37.55 -8.20
CA PRO C 14 -4.50 -38.76 -7.38
C PRO C 14 -3.11 -38.81 -6.74
N GLU C 15 -3.01 -39.42 -5.56
CA GLU C 15 -1.74 -39.50 -4.85
C GLU C 15 -0.66 -40.23 -5.65
N LYS C 16 0.56 -39.72 -5.58
CA LYS C 16 1.70 -40.33 -6.28
C LYS C 16 2.59 -40.93 -5.21
N LEU C 17 2.45 -42.24 -5.01
CA LEU C 17 3.21 -42.95 -3.99
C LEU C 17 4.63 -43.38 -4.38
N THR C 18 5.16 -42.80 -5.44
CA THR C 18 6.52 -43.10 -5.89
C THR C 18 7.30 -41.79 -5.95
N SER C 19 8.51 -41.80 -5.41
CA SER C 19 9.34 -40.60 -5.38
C SER C 19 10.17 -40.37 -6.63
N LYS C 20 10.94 -39.28 -6.57
CA LYS C 20 11.83 -38.87 -7.65
C LYS C 20 12.76 -40.01 -8.01
N ASP C 21 13.47 -40.54 -7.02
CA ASP C 21 14.41 -41.63 -7.24
C ASP C 21 13.80 -43.02 -7.25
N GLY C 22 12.48 -43.10 -7.37
CA GLY C 22 11.82 -44.40 -7.42
C GLY C 22 11.32 -44.98 -6.12
N ARG C 23 11.94 -44.65 -5.00
CA ARG C 23 11.52 -45.20 -3.71
C ARG C 23 10.03 -44.99 -3.46
N ALA C 24 9.43 -45.94 -2.76
CA ALA C 24 8.01 -45.88 -2.44
C ALA C 24 7.76 -45.01 -1.20
N ALA C 25 6.74 -44.17 -1.28
CA ALA C 25 6.39 -43.31 -0.16
C ALA C 25 6.34 -44.17 1.09
N ASN C 26 6.90 -43.66 2.18
CA ASN C 26 6.90 -44.39 3.45
C ASN C 26 6.71 -43.44 4.63
N MET C 27 6.45 -42.17 4.33
CA MET C 27 6.23 -41.16 5.35
C MET C 27 5.08 -40.26 4.92
N LYS C 28 4.03 -40.22 5.74
CA LYS C 28 2.84 -39.42 5.44
C LYS C 28 2.65 -38.35 6.51
N ILE C 29 2.71 -37.09 6.09
CA ILE C 29 2.57 -35.96 7.00
C ILE C 29 1.44 -35.02 6.61
N THR C 30 0.58 -34.70 7.57
CA THR C 30 -0.54 -33.80 7.34
C THR C 30 -0.39 -32.55 8.17
N SER C 31 -0.75 -31.41 7.57
CA SER C 31 -0.69 -30.11 8.24
C SER C 31 -2.05 -29.45 8.06
N TRP C 32 -2.51 -28.75 9.10
CA TRP C 32 -3.82 -28.12 9.02
C TRP C 32 -4.03 -26.97 10.02
N ASN C 33 -4.45 -25.83 9.49
CA ASN C 33 -4.78 -24.69 10.34
C ASN C 33 -6.21 -25.03 10.69
N VAL C 34 -6.45 -25.36 11.95
CA VAL C 34 -7.78 -25.76 12.38
C VAL C 34 -8.74 -24.65 12.78
N ASP C 35 -8.28 -23.41 12.76
CA ASP C 35 -9.15 -22.27 13.10
C ASP C 35 -9.80 -22.49 14.46
N GLY C 36 -9.01 -22.78 15.47
CA GLY C 36 -9.55 -23.01 16.79
C GLY C 36 -9.71 -24.51 16.95
N LEU C 37 -8.83 -25.10 17.75
CA LEU C 37 -8.86 -26.54 17.95
C LEU C 37 -10.12 -27.02 18.65
N ARG C 38 -10.62 -26.23 19.59
CA ARG C 38 -11.85 -26.64 20.27
C ARG C 38 -13.04 -26.69 19.31
N ALA C 39 -13.17 -25.68 18.46
CA ALA C 39 -14.26 -25.66 17.50
C ALA C 39 -14.06 -26.75 16.45
N TRP C 40 -12.82 -26.88 15.97
CA TRP C 40 -12.48 -27.88 14.96
C TRP C 40 -12.82 -29.29 15.42
N VAL C 41 -12.54 -29.59 16.67
CA VAL C 41 -12.84 -30.91 17.19
C VAL C 41 -14.35 -31.13 17.18
N LYS C 42 -15.10 -30.13 17.63
CA LYS C 42 -16.56 -30.25 17.65
C LYS C 42 -17.12 -30.40 16.25
N LYS C 43 -16.42 -29.87 15.26
CA LYS C 43 -16.86 -29.98 13.87
C LYS C 43 -16.39 -31.29 13.25
N ASN C 44 -16.07 -32.27 14.09
CA ASN C 44 -15.62 -33.58 13.62
C ASN C 44 -14.27 -33.62 12.91
N GLY C 45 -13.40 -32.65 13.21
CA GLY C 45 -12.10 -32.62 12.57
C GLY C 45 -11.35 -33.92 12.74
N LEU C 46 -11.35 -34.46 13.96
CA LEU C 46 -10.66 -35.70 14.25
C LEU C 46 -11.10 -36.88 13.39
N ASP C 47 -12.35 -36.87 12.94
CA ASP C 47 -12.84 -37.96 12.11
C ASP C 47 -12.05 -38.01 10.83
N TRP C 48 -11.88 -36.86 10.19
CA TRP C 48 -11.13 -36.80 8.94
C TRP C 48 -9.68 -37.24 9.16
N VAL C 49 -9.12 -36.89 10.30
CA VAL C 49 -7.75 -37.26 10.62
C VAL C 49 -7.59 -38.77 10.65
N ARG C 50 -8.49 -39.43 11.37
CA ARG C 50 -8.45 -40.88 11.49
C ARG C 50 -8.54 -41.52 10.10
N LYS C 51 -9.30 -40.89 9.21
CA LYS C 51 -9.46 -41.42 7.87
C LYS C 51 -8.16 -41.23 7.08
N GLU C 52 -7.53 -40.07 7.24
CA GLU C 52 -6.28 -39.77 6.54
C GLU C 52 -5.14 -40.58 7.14
N ASP C 53 -5.27 -40.92 8.41
CA ASP C 53 -4.28 -41.70 9.14
C ASP C 53 -2.82 -41.34 8.81
N PRO C 54 -2.41 -40.10 9.10
CA PRO C 54 -1.05 -39.62 8.84
C PRO C 54 -0.09 -40.19 9.87
N ASP C 55 1.21 -40.19 9.57
CA ASP C 55 2.18 -40.68 10.52
C ASP C 55 2.36 -39.60 11.57
N ILE C 56 2.26 -38.34 11.11
CA ILE C 56 2.40 -37.20 11.99
C ILE C 56 1.37 -36.13 11.61
N LEU C 57 0.69 -35.59 12.62
CA LEU C 57 -0.30 -34.56 12.39
C LEU C 57 0.18 -33.24 12.97
N CYS C 58 0.24 -32.21 12.13
CA CYS C 58 0.68 -30.88 12.56
C CYS C 58 -0.52 -29.93 12.48
N LEU C 59 -0.84 -29.31 13.60
CA LEU C 59 -1.97 -28.40 13.68
C LEU C 59 -1.51 -26.98 13.97
N GLN C 60 -2.13 -26.01 13.29
CA GLN C 60 -1.81 -24.61 13.52
C GLN C 60 -3.05 -23.86 13.95
N GLU C 61 -2.84 -22.74 14.65
CA GLU C 61 -3.90 -21.88 15.16
C GLU C 61 -4.86 -22.67 16.06
N THR C 62 -4.27 -23.44 16.97
CA THR C 62 -5.02 -24.27 17.91
C THR C 62 -5.78 -23.40 18.90
N LYS C 63 -5.25 -22.21 19.17
CA LYS C 63 -5.89 -21.26 20.08
C LYS C 63 -6.50 -21.95 21.30
N CYS C 64 -5.67 -22.69 22.01
CA CYS C 64 -6.14 -23.40 23.18
C CYS C 64 -4.97 -23.88 24.03
N ALA C 65 -4.91 -23.41 25.27
CA ALA C 65 -3.84 -23.81 26.17
C ALA C 65 -4.04 -25.28 26.53
N GLU C 66 -2.93 -25.99 26.74
CA GLU C 66 -2.99 -27.42 27.09
C GLU C 66 -4.08 -27.70 28.10
N LYS C 67 -4.07 -26.95 29.20
CA LYS C 67 -5.07 -27.09 30.27
C LYS C 67 -6.47 -27.29 29.71
N ALA C 68 -6.83 -26.44 28.76
CA ALA C 68 -8.16 -26.45 28.16
C ALA C 68 -8.33 -27.41 26.97
N LEU C 69 -7.27 -28.07 26.56
CA LEU C 69 -7.38 -29.00 25.43
C LEU C 69 -8.48 -30.03 25.70
N PRO C 70 -9.29 -30.32 24.68
CA PRO C 70 -10.36 -31.31 24.87
C PRO C 70 -9.82 -32.74 24.96
N ALA C 71 -10.42 -33.53 25.85
CA ALA C 71 -10.01 -34.92 26.06
C ALA C 71 -10.05 -35.73 24.77
N ASP C 72 -10.94 -35.36 23.86
CA ASP C 72 -11.08 -36.07 22.60
C ASP C 72 -9.79 -36.12 21.80
N ILE C 73 -8.96 -35.10 21.94
CA ILE C 73 -7.72 -35.08 21.18
C ILE C 73 -6.52 -35.54 22.01
N THR C 74 -6.46 -35.16 23.27
CA THR C 74 -5.34 -35.56 24.11
C THR C 74 -5.35 -37.07 24.35
N ALA C 75 -6.53 -37.68 24.28
CA ALA C 75 -6.66 -39.11 24.50
C ALA C 75 -6.59 -39.96 23.23
N MET C 76 -6.35 -39.33 22.09
CA MET C 76 -6.25 -40.10 20.86
C MET C 76 -5.19 -41.18 21.03
N PRO C 77 -5.56 -42.46 20.87
CA PRO C 77 -4.60 -43.54 21.02
C PRO C 77 -3.74 -43.70 19.79
N GLU C 78 -4.17 -43.10 18.68
CA GLU C 78 -3.46 -43.18 17.41
C GLU C 78 -2.16 -42.40 17.40
N TYR C 79 -2.06 -41.38 18.25
CA TYR C 79 -0.85 -40.57 18.31
C TYR C 79 -0.37 -40.46 19.74
N PRO C 80 0.41 -41.45 20.19
CA PRO C 80 0.97 -41.54 21.54
C PRO C 80 1.77 -40.32 21.98
N HIS C 81 2.49 -39.71 21.05
CA HIS C 81 3.34 -38.57 21.36
C HIS C 81 2.80 -37.27 20.78
N LYS C 82 2.29 -36.42 21.68
CA LYS C 82 1.71 -35.15 21.33
C LYS C 82 2.51 -34.00 21.96
N TYR C 83 2.69 -32.94 21.20
CA TYR C 83 3.44 -31.78 21.66
C TYR C 83 2.63 -30.52 21.42
N TRP C 84 2.54 -29.68 22.45
CA TRP C 84 1.76 -28.45 22.34
C TRP C 84 2.58 -27.19 22.63
N ALA C 85 2.45 -26.22 21.73
CA ALA C 85 3.15 -24.95 21.88
C ALA C 85 2.09 -23.88 22.03
N GLY C 86 1.98 -23.31 23.23
CA GLY C 86 1.02 -22.27 23.48
C GLY C 86 1.70 -20.93 23.71
N SER C 87 0.91 -19.86 23.77
CA SER C 87 1.44 -18.53 24.00
C SER C 87 1.77 -18.34 25.48
N GLU C 88 3.07 -18.33 25.79
CA GLU C 88 3.60 -18.17 27.14
C GLU C 88 2.70 -17.48 28.18
N ASP C 89 2.16 -16.33 27.81
CA ASP C 89 1.29 -15.55 28.70
C ASP C 89 0.06 -16.31 29.22
N LYS C 90 0.02 -17.62 29.01
CA LYS C 90 -1.11 -18.44 29.46
C LYS C 90 -2.41 -17.80 28.97
N GLU C 91 -2.52 -17.65 27.64
CA GLU C 91 -3.69 -17.02 27.05
C GLU C 91 -4.50 -17.95 26.15
N GLY C 92 -3.83 -18.58 25.20
CA GLY C 92 -4.52 -19.48 24.28
C GLY C 92 -4.52 -18.87 22.90
N TYR C 93 -3.66 -17.88 22.72
CA TYR C 93 -3.50 -17.17 21.45
C TYR C 93 -2.63 -17.98 20.49
N SER C 94 -2.99 -17.99 19.21
CA SER C 94 -2.23 -18.76 18.22
C SER C 94 -2.15 -20.22 18.63
N GLY C 95 -0.93 -20.76 18.70
CA GLY C 95 -0.73 -22.14 19.10
C GLY C 95 -0.59 -23.15 17.96
N VAL C 96 0.29 -24.12 18.17
CA VAL C 96 0.51 -25.17 17.19
C VAL C 96 0.69 -26.47 17.93
N ALA C 97 0.50 -27.58 17.23
CA ALA C 97 0.65 -28.88 17.84
C ALA C 97 1.21 -29.86 16.84
N MET C 98 1.78 -30.94 17.36
CA MET C 98 2.32 -32.01 16.52
C MET C 98 2.03 -33.35 17.21
N LEU C 99 1.24 -34.17 16.55
CA LEU C 99 0.88 -35.49 17.08
C LEU C 99 1.66 -36.54 16.27
N CYS C 100 2.34 -37.44 16.98
CA CYS C 100 3.14 -38.46 16.32
C CYS C 100 2.86 -39.88 16.78
N LYS C 101 3.11 -40.83 15.87
CA LYS C 101 2.94 -42.24 16.16
C LYS C 101 4.28 -42.74 16.70
N THR C 102 5.34 -42.06 16.28
CA THR C 102 6.70 -42.38 16.68
C THR C 102 7.24 -41.21 17.49
N GLU C 103 7.93 -41.49 18.60
CA GLU C 103 8.48 -40.41 19.41
C GLU C 103 9.75 -39.90 18.77
N PRO C 104 9.80 -38.60 18.46
CA PRO C 104 11.02 -38.05 17.84
C PRO C 104 12.25 -38.14 18.76
N LEU C 105 13.42 -37.99 18.17
CA LEU C 105 14.64 -38.05 18.96
C LEU C 105 14.64 -36.90 19.97
N ASN C 106 14.09 -35.76 19.57
CA ASN C 106 14.04 -34.60 20.44
C ASN C 106 13.04 -33.59 19.90
N VAL C 107 12.44 -32.82 20.80
CA VAL C 107 11.47 -31.81 20.42
C VAL C 107 11.81 -30.46 21.09
N THR C 108 11.73 -29.38 20.31
CA THR C 108 12.02 -28.06 20.84
C THR C 108 10.92 -27.07 20.46
N TYR C 109 10.82 -25.99 21.23
CA TYR C 109 9.79 -25.00 20.95
C TYR C 109 10.36 -23.61 20.63
N GLY C 110 9.71 -22.93 19.69
CA GLY C 110 10.15 -21.61 19.31
C GLY C 110 11.34 -21.64 18.37
N ILE C 111 11.95 -20.48 18.15
CA ILE C 111 13.11 -20.40 17.27
C ILE C 111 14.28 -19.73 17.94
N GLY C 112 14.35 -19.85 19.27
CA GLY C 112 15.44 -19.28 20.02
C GLY C 112 15.45 -17.76 20.06
N LYS C 113 14.28 -17.15 19.96
CA LYS C 113 14.15 -15.70 19.99
C LYS C 113 13.00 -15.33 20.91
N GLU C 114 13.32 -14.84 22.10
CA GLU C 114 12.30 -14.49 23.09
C GLU C 114 11.13 -13.69 22.52
N GLU C 115 11.42 -12.68 21.71
CA GLU C 115 10.36 -11.86 21.14
C GLU C 115 9.40 -12.65 20.26
N HIS C 116 9.87 -13.75 19.69
CA HIS C 116 9.03 -14.57 18.84
C HIS C 116 8.41 -15.76 19.57
N ASP C 117 9.17 -16.33 20.50
CA ASP C 117 8.75 -17.48 21.26
C ASP C 117 7.70 -17.14 22.31
N LYS C 118 7.32 -15.87 22.35
CA LYS C 118 6.32 -15.38 23.29
C LYS C 118 4.96 -16.00 22.95
N GLU C 119 4.78 -16.32 21.67
CA GLU C 119 3.55 -16.95 21.15
C GLU C 119 3.92 -18.36 20.71
N GLY C 120 2.96 -19.29 20.78
CA GLY C 120 3.24 -20.66 20.36
C GLY C 120 3.06 -20.76 18.86
N ARG C 121 4.17 -20.65 18.13
CA ARG C 121 4.12 -20.70 16.66
C ARG C 121 4.97 -21.77 16.02
N VAL C 122 5.93 -22.32 16.76
CA VAL C 122 6.81 -23.33 16.18
C VAL C 122 7.13 -24.52 17.06
N ILE C 123 7.20 -25.68 16.43
CA ILE C 123 7.56 -26.93 17.08
C ILE C 123 8.53 -27.63 16.14
N THR C 124 9.68 -28.03 16.66
CA THR C 124 10.67 -28.71 15.85
C THR C 124 10.90 -30.10 16.42
N ALA C 125 10.58 -31.11 15.61
CA ALA C 125 10.76 -32.50 16.01
C ALA C 125 11.91 -33.05 15.22
N GLU C 126 12.92 -33.59 15.91
CA GLU C 126 14.07 -34.14 15.20
C GLU C 126 13.97 -35.65 15.07
N PHE C 127 13.91 -36.12 13.83
CA PHE C 127 13.86 -37.54 13.55
C PHE C 127 15.24 -37.92 13.02
N PRO C 128 15.56 -39.23 12.97
CA PRO C 128 16.87 -39.67 12.49
C PRO C 128 17.27 -39.05 11.15
N ASP C 129 16.35 -39.08 10.18
CA ASP C 129 16.64 -38.56 8.87
C ASP C 129 16.42 -37.06 8.68
N PHE C 130 15.38 -36.51 9.31
CA PHE C 130 15.10 -35.09 9.13
C PHE C 130 14.51 -34.38 10.33
N PHE C 131 14.43 -33.07 10.21
CA PHE C 131 13.84 -32.21 11.22
C PHE C 131 12.45 -31.91 10.66
N LEU C 132 11.42 -31.99 11.47
CA LEU C 132 10.09 -31.62 11.00
C LEU C 132 9.74 -30.38 11.78
N VAL C 133 9.60 -29.26 11.05
CA VAL C 133 9.26 -27.98 11.66
C VAL C 133 7.84 -27.60 11.24
N THR C 134 6.94 -27.43 12.20
CA THR C 134 5.60 -26.98 11.85
C THR C 134 5.49 -25.59 12.43
N ALA C 135 4.91 -24.69 11.65
CA ALA C 135 4.81 -23.31 12.09
C ALA C 135 3.54 -22.59 11.68
N TYR C 136 3.16 -21.64 12.53
CA TYR C 136 2.01 -20.79 12.29
C TYR C 136 2.60 -19.39 12.24
N VAL C 137 2.92 -18.95 11.03
CA VAL C 137 3.53 -17.64 10.80
C VAL C 137 2.60 -16.47 11.13
N PRO C 138 3.12 -15.46 11.86
CA PRO C 138 2.36 -14.28 12.26
C PRO C 138 1.64 -13.66 11.07
N ASN C 139 0.34 -13.45 11.22
CA ASN C 139 -0.47 -12.85 10.17
C ASN C 139 -0.23 -11.33 10.24
N ALA C 140 -0.02 -10.70 9.09
CA ALA C 140 0.23 -9.25 9.06
C ALA C 140 -0.98 -8.49 9.59
N SER C 141 -2.12 -9.18 9.63
CA SER C 141 -3.40 -8.66 10.14
C SER C 141 -4.00 -7.41 9.50
N ARG C 142 -5.21 -7.07 9.96
CA ARG C 142 -5.97 -5.91 9.47
C ARG C 142 -5.10 -4.68 9.31
N GLY C 143 -5.28 -3.99 8.20
CA GLY C 143 -4.50 -2.79 7.96
C GLY C 143 -3.01 -3.02 8.07
N LEU C 144 -2.59 -4.26 7.87
CA LEU C 144 -1.18 -4.64 7.94
C LEU C 144 -0.50 -4.11 9.20
N VAL C 145 -1.25 -4.04 10.29
CA VAL C 145 -0.72 -3.54 11.55
C VAL C 145 0.45 -4.33 12.13
N ARG C 146 0.50 -5.64 11.85
CA ARG C 146 1.60 -6.46 12.36
C ARG C 146 2.60 -6.81 11.27
N LEU C 147 2.55 -6.08 10.17
CA LEU C 147 3.46 -6.34 9.06
C LEU C 147 4.92 -6.17 9.43
N ASP C 148 5.25 -5.05 10.07
CA ASP C 148 6.63 -4.82 10.47
C ASP C 148 7.11 -5.97 11.36
N TYR C 149 6.26 -6.41 12.27
CA TYR C 149 6.63 -7.53 13.15
C TYR C 149 6.91 -8.75 12.30
N ARG C 150 6.09 -8.93 11.26
CA ARG C 150 6.21 -10.05 10.35
C ARG C 150 7.53 -10.06 9.59
N LYS C 151 7.99 -8.89 9.16
CA LYS C 151 9.25 -8.81 8.43
C LYS C 151 10.41 -9.23 9.33
N THR C 152 10.30 -8.94 10.62
CA THR C 152 11.34 -9.31 11.56
C THR C 152 11.25 -10.82 11.76
N TRP C 153 10.02 -11.33 11.88
CA TRP C 153 9.82 -12.75 12.05
C TRP C 153 10.41 -13.51 10.86
N ASP C 154 10.10 -13.04 9.66
CA ASP C 154 10.59 -13.68 8.46
C ASP C 154 12.11 -13.82 8.47
N VAL C 155 12.80 -12.76 8.89
CA VAL C 155 14.26 -12.77 8.94
C VAL C 155 14.79 -13.79 9.94
N ASP C 156 14.28 -13.73 11.18
CA ASP C 156 14.72 -14.66 12.21
C ASP C 156 14.33 -16.12 11.95
N PHE C 157 13.12 -16.34 11.46
CA PHE C 157 12.66 -17.69 11.17
C PHE C 157 13.52 -18.31 10.07
N ARG C 158 13.88 -17.50 9.09
CA ARG C 158 14.72 -17.96 7.99
C ARG C 158 16.08 -18.37 8.53
N ALA C 159 16.67 -17.51 9.35
CA ALA C 159 17.97 -17.79 9.94
C ALA C 159 17.91 -19.12 10.70
N TYR C 160 16.85 -19.28 11.49
CA TYR C 160 16.64 -20.50 12.27
C TYR C 160 16.57 -21.74 11.39
N LEU C 161 15.80 -21.66 10.32
CA LEU C 161 15.66 -22.78 9.39
C LEU C 161 16.98 -23.10 8.71
N CYS C 162 17.72 -22.06 8.31
CA CYS C 162 19.01 -22.28 7.66
C CYS C 162 19.92 -23.02 8.63
N GLY C 163 19.86 -22.62 9.90
CA GLY C 163 20.67 -23.28 10.92
C GLY C 163 20.43 -24.78 10.96
N LEU C 164 19.16 -25.16 11.07
CA LEU C 164 18.79 -26.58 11.12
C LEU C 164 19.20 -27.30 9.84
N ASP C 165 18.95 -26.66 8.70
CA ASP C 165 19.27 -27.23 7.40
C ASP C 165 20.77 -27.50 7.25
N ALA C 166 21.57 -26.75 7.99
CA ALA C 166 23.01 -26.91 7.93
C ALA C 166 23.43 -28.25 8.54
N ARG C 167 22.76 -28.66 9.62
CA ARG C 167 23.12 -29.92 10.24
C ARG C 167 22.23 -31.11 9.94
N LYS C 168 21.16 -30.90 9.18
CA LYS C 168 20.26 -31.98 8.82
C LYS C 168 19.11 -31.49 7.95
N PRO C 169 18.66 -32.32 6.99
CA PRO C 169 17.55 -31.94 6.10
C PRO C 169 16.29 -31.65 6.92
N LEU C 170 15.46 -30.74 6.45
CA LEU C 170 14.24 -30.42 7.18
C LEU C 170 13.01 -30.28 6.31
N VAL C 171 11.86 -30.59 6.90
CA VAL C 171 10.59 -30.43 6.24
C VAL C 171 9.92 -29.34 7.06
N LEU C 172 9.42 -28.30 6.39
CA LEU C 172 8.72 -27.21 7.05
C LEU C 172 7.26 -27.28 6.60
N CYS C 173 6.33 -27.27 7.54
CA CYS C 173 4.93 -27.31 7.16
C CYS C 173 4.09 -26.42 8.09
N GLY C 174 2.95 -25.97 7.56
CA GLY C 174 2.06 -25.13 8.34
C GLY C 174 1.49 -24.00 7.52
N ASP C 175 0.76 -23.12 8.19
CA ASP C 175 0.15 -21.95 7.57
C ASP C 175 1.24 -20.89 7.59
N LEU C 176 1.89 -20.68 6.45
CA LEU C 176 2.96 -19.69 6.38
C LEU C 176 2.42 -18.29 6.12
N ASN C 177 1.10 -18.18 6.06
CA ASN C 177 0.43 -16.91 5.84
C ASN C 177 1.05 -16.09 4.71
N VAL C 178 1.07 -16.65 3.51
CA VAL C 178 1.59 -15.94 2.35
C VAL C 178 1.31 -16.72 1.08
N ALA C 179 0.83 -16.03 0.07
CA ALA C 179 0.58 -16.66 -1.23
C ALA C 179 1.83 -16.21 -1.96
N HIS C 180 2.74 -17.13 -2.21
CA HIS C 180 3.99 -16.78 -2.86
C HIS C 180 3.86 -15.97 -4.14
N GLN C 181 3.22 -16.56 -5.16
CA GLN C 181 3.06 -15.90 -6.44
C GLN C 181 1.60 -15.62 -6.75
N GLU C 182 1.35 -14.99 -7.90
CA GLU C 182 0.00 -14.67 -8.32
C GLU C 182 -0.83 -15.92 -8.53
N ILE C 183 -0.18 -17.00 -8.94
CA ILE C 183 -0.86 -18.25 -9.18
C ILE C 183 -1.39 -18.80 -7.85
N ASP C 184 -0.83 -18.31 -6.74
CA ASP C 184 -1.24 -18.79 -5.43
C ASP C 184 -2.52 -18.21 -4.83
N LEU C 185 -3.18 -17.31 -5.54
CA LEU C 185 -4.44 -16.75 -5.06
C LEU C 185 -5.31 -16.32 -6.25
N LYS C 186 -6.63 -16.36 -6.04
CA LYS C 186 -7.56 -16.00 -7.09
C LYS C 186 -7.50 -14.53 -7.52
N ASN C 187 -7.45 -13.63 -6.55
CA ASN C 187 -7.42 -12.20 -6.86
C ASN C 187 -6.17 -11.46 -6.38
N PRO C 188 -5.05 -11.66 -7.08
CA PRO C 188 -3.80 -10.99 -6.69
C PRO C 188 -3.87 -9.47 -6.78
N LYS C 189 -4.45 -8.95 -7.87
CA LYS C 189 -4.56 -7.51 -8.07
C LYS C 189 -5.22 -6.74 -6.92
N GLY C 190 -6.33 -7.27 -6.40
CA GLY C 190 -7.02 -6.58 -5.34
C GLY C 190 -6.55 -6.86 -3.93
N ASN C 191 -5.59 -7.76 -3.77
CA ASN C 191 -5.09 -8.11 -2.44
C ASN C 191 -3.67 -7.64 -2.15
N ARG C 192 -3.12 -6.78 -3.02
CA ARG C 192 -1.76 -6.28 -2.85
C ARG C 192 -1.54 -5.70 -1.46
N LYS C 193 -2.56 -5.05 -0.91
CA LYS C 193 -2.44 -4.46 0.42
C LYS C 193 -3.17 -5.29 1.47
N ASN C 194 -3.34 -6.57 1.18
CA ASN C 194 -4.00 -7.49 2.09
C ASN C 194 -2.93 -8.36 2.75
N ALA C 195 -3.17 -8.76 4.00
CA ALA C 195 -2.23 -9.61 4.73
C ALA C 195 -2.10 -10.93 3.99
N GLY C 196 -0.87 -11.30 3.65
CA GLY C 196 -0.66 -12.55 2.93
C GLY C 196 -0.21 -12.36 1.50
N PHE C 197 -0.34 -11.14 0.97
CA PHE C 197 0.09 -10.90 -0.40
C PHE C 197 0.81 -9.56 -0.61
N THR C 198 1.42 -9.06 0.46
CA THR C 198 2.15 -7.80 0.37
C THR C 198 3.51 -8.14 -0.23
N PRO C 199 4.15 -7.17 -0.89
CA PRO C 199 5.47 -7.43 -1.49
C PRO C 199 6.45 -7.93 -0.43
N GLU C 200 6.41 -7.31 0.74
CA GLU C 200 7.30 -7.70 1.84
C GLU C 200 7.13 -9.17 2.23
N GLU C 201 5.90 -9.65 2.26
CA GLU C 201 5.66 -11.04 2.60
C GLU C 201 6.08 -11.98 1.47
N ARG C 202 5.85 -11.56 0.22
CA ARG C 202 6.22 -12.36 -0.93
C ARG C 202 7.74 -12.53 -0.97
N GLU C 203 8.45 -11.41 -0.89
CA GLU C 203 9.91 -11.40 -0.92
C GLU C 203 10.45 -12.32 0.19
N GLY C 204 9.84 -12.22 1.37
CA GLY C 204 10.26 -13.04 2.49
C GLY C 204 10.28 -14.51 2.14
N PHE C 205 9.23 -14.97 1.46
CA PHE C 205 9.15 -16.37 1.08
C PHE C 205 10.20 -16.70 0.03
N THR C 206 10.36 -15.80 -0.94
CA THR C 206 11.34 -16.00 -2.01
C THR C 206 12.73 -16.14 -1.39
N GLN C 207 13.02 -15.32 -0.38
CA GLN C 207 14.33 -15.38 0.28
C GLN C 207 14.52 -16.73 0.97
N LEU C 208 13.46 -17.26 1.57
CA LEU C 208 13.55 -18.55 2.24
C LEU C 208 13.89 -19.63 1.22
N LEU C 209 13.18 -19.61 0.09
CA LEU C 209 13.43 -20.61 -0.94
C LEU C 209 14.82 -20.44 -1.50
N GLU C 210 15.21 -19.20 -1.77
CA GLU C 210 16.54 -18.93 -2.33
C GLU C 210 17.63 -19.37 -1.36
N ALA C 211 17.25 -19.68 -0.12
CA ALA C 211 18.21 -20.12 0.87
C ALA C 211 18.46 -21.63 0.78
N GLY C 212 17.91 -22.25 -0.27
CA GLY C 212 18.09 -23.68 -0.45
C GLY C 212 16.90 -24.55 -0.12
N PHE C 213 15.70 -24.00 -0.25
CA PHE C 213 14.49 -24.77 0.05
C PHE C 213 13.53 -24.82 -1.15
N THR C 214 12.65 -25.81 -1.14
CA THR C 214 11.70 -26.01 -2.23
C THR C 214 10.23 -26.13 -1.81
N ASP C 215 9.37 -25.44 -2.54
CA ASP C 215 7.92 -25.45 -2.30
C ASP C 215 7.49 -26.78 -2.90
N SER C 216 7.24 -27.77 -2.04
CA SER C 216 6.87 -29.10 -2.52
C SER C 216 5.77 -29.10 -3.58
N PHE C 217 4.64 -28.49 -3.27
CA PHE C 217 3.54 -28.48 -4.21
C PHE C 217 3.83 -27.83 -5.57
N ARG C 218 4.44 -26.65 -5.56
CA ARG C 218 4.76 -25.97 -6.80
C ARG C 218 5.84 -26.71 -7.57
N GLU C 219 6.68 -27.43 -6.85
CA GLU C 219 7.75 -28.20 -7.48
C GLU C 219 7.12 -29.29 -8.35
N LEU C 220 6.07 -29.92 -7.83
CA LEU C 220 5.39 -30.99 -8.55
C LEU C 220 4.39 -30.49 -9.58
N TYR C 221 3.76 -29.34 -9.31
CA TYR C 221 2.77 -28.78 -10.23
C TYR C 221 3.01 -27.29 -10.44
N PRO C 222 4.08 -26.96 -11.18
CA PRO C 222 4.45 -25.57 -11.46
C PRO C 222 3.45 -24.71 -12.23
N ASP C 223 2.59 -25.34 -13.04
CA ASP C 223 1.62 -24.59 -13.83
C ASP C 223 0.18 -24.74 -13.36
N GLN C 224 -0.02 -25.53 -12.31
CA GLN C 224 -1.35 -25.76 -11.78
C GLN C 224 -1.87 -24.56 -11.00
N ALA C 225 -2.93 -23.94 -11.50
CA ALA C 225 -3.52 -22.78 -10.84
C ALA C 225 -4.79 -23.19 -10.12
N TYR C 226 -5.42 -22.22 -9.45
CA TYR C 226 -6.65 -22.45 -8.73
C TYR C 226 -6.55 -23.48 -7.61
N ALA C 227 -5.32 -23.81 -7.21
CA ALA C 227 -5.11 -24.78 -6.13
C ALA C 227 -4.88 -23.97 -4.87
N TYR C 228 -5.87 -23.94 -3.98
CA TYR C 228 -5.76 -23.14 -2.76
C TYR C 228 -5.97 -23.96 -1.48
N THR C 229 -5.49 -23.42 -0.37
CA THR C 229 -5.63 -24.08 0.92
C THR C 229 -6.43 -23.21 1.88
N PHE C 230 -6.77 -22.01 1.43
CA PHE C 230 -7.52 -21.06 2.24
C PHE C 230 -8.62 -20.36 1.45
N TRP C 231 -9.75 -20.12 2.10
CA TRP C 231 -10.89 -19.43 1.51
C TRP C 231 -11.55 -18.65 2.63
N THR C 232 -11.68 -17.34 2.47
CA THR C 232 -12.32 -16.52 3.49
C THR C 232 -13.73 -17.03 3.72
N TYR C 233 -14.14 -17.09 4.97
CA TYR C 233 -15.49 -17.53 5.30
C TYR C 233 -16.48 -16.58 4.63
N MET C 234 -16.05 -15.34 4.41
CA MET C 234 -16.89 -14.31 3.78
C MET C 234 -17.02 -14.48 2.27
N MET C 235 -17.98 -13.75 1.71
CA MET C 235 -18.25 -13.76 0.28
C MET C 235 -18.42 -15.16 -0.29
N ASN C 236 -18.83 -16.12 0.53
CA ASN C 236 -19.00 -17.50 0.07
C ASN C 236 -17.84 -17.84 -0.86
N ALA C 237 -16.63 -17.51 -0.42
CA ALA C 237 -15.43 -17.73 -1.22
C ALA C 237 -15.10 -19.19 -1.52
N ARG C 238 -15.28 -20.07 -0.55
CA ARG C 238 -14.94 -21.47 -0.78
C ARG C 238 -15.81 -22.13 -1.83
N SER C 239 -17.13 -21.98 -1.69
CA SER C 239 -18.04 -22.59 -2.64
C SER C 239 -17.72 -22.12 -4.07
N LYS C 240 -17.08 -20.97 -4.19
CA LYS C 240 -16.71 -20.42 -5.51
C LYS C 240 -15.23 -20.65 -5.77
N ASN C 241 -14.53 -21.26 -4.81
CA ASN C 241 -13.10 -21.52 -4.91
C ASN C 241 -12.33 -20.23 -5.12
N VAL C 242 -12.71 -19.19 -4.39
CA VAL C 242 -12.00 -17.92 -4.46
C VAL C 242 -11.12 -17.93 -3.21
N GLY C 243 -9.97 -18.57 -3.30
CA GLY C 243 -9.10 -18.66 -2.15
C GLY C 243 -7.64 -18.34 -2.35
N TRP C 244 -6.85 -18.69 -1.34
CA TRP C 244 -5.42 -18.47 -1.34
C TRP C 244 -4.68 -19.75 -1.02
N ARG C 245 -3.42 -19.83 -1.41
CA ARG C 245 -2.60 -20.98 -1.10
C ARG C 245 -1.63 -20.47 -0.03
N LEU C 246 -1.99 -20.71 1.23
CA LEU C 246 -1.20 -20.25 2.38
C LEU C 246 -0.47 -21.34 3.14
N ASP C 247 -0.85 -22.59 2.88
CA ASP C 247 -0.25 -23.75 3.56
C ASP C 247 0.72 -24.49 2.65
N TYR C 248 1.92 -24.75 3.15
CA TYR C 248 2.93 -25.43 2.36
C TYR C 248 3.69 -26.53 3.08
N PHE C 249 4.50 -27.21 2.27
CA PHE C 249 5.42 -28.23 2.71
C PHE C 249 6.64 -27.74 1.98
N VAL C 250 7.57 -27.14 2.71
CA VAL C 250 8.80 -26.61 2.14
C VAL C 250 9.90 -27.58 2.54
N LEU C 251 10.58 -28.15 1.55
CA LEU C 251 11.62 -29.13 1.78
C LEU C 251 13.04 -28.71 1.45
N SER C 252 13.99 -29.22 2.22
CA SER C 252 15.41 -28.96 1.98
C SER C 252 15.70 -29.70 0.68
N SER C 253 16.63 -29.19 -0.10
CA SER C 253 16.99 -29.81 -1.38
C SER C 253 17.23 -31.30 -1.23
N ALA C 254 18.06 -31.68 -0.27
CA ALA C 254 18.39 -33.09 -0.03
C ALA C 254 17.19 -34.03 0.06
N LEU C 255 16.01 -33.50 0.34
CA LEU C 255 14.83 -34.34 0.45
C LEU C 255 14.05 -34.49 -0.85
N LEU C 256 14.40 -33.67 -1.85
CA LEU C 256 13.70 -33.72 -3.12
C LEU C 256 13.65 -35.12 -3.73
N PRO C 257 14.78 -35.85 -3.73
CA PRO C 257 14.76 -37.21 -4.29
C PRO C 257 13.68 -38.09 -3.66
N GLY C 258 13.45 -37.90 -2.37
CA GLY C 258 12.45 -38.69 -1.68
C GLY C 258 11.04 -38.16 -1.76
N LEU C 259 10.86 -37.01 -2.40
CA LEU C 259 9.53 -36.41 -2.55
C LEU C 259 8.65 -37.25 -3.46
N CYS C 260 7.46 -37.57 -2.98
CA CYS C 260 6.51 -38.35 -3.77
C CYS C 260 5.35 -37.48 -4.23
N ASP C 261 4.72 -36.79 -3.29
CA ASP C 261 3.61 -35.93 -3.63
C ASP C 261 3.26 -34.96 -2.51
N SER C 262 2.60 -33.87 -2.87
CA SER C 262 2.18 -32.83 -1.94
C SER C 262 0.71 -32.62 -2.28
N LYS C 263 -0.17 -33.02 -1.38
CA LYS C 263 -1.60 -32.91 -1.62
C LYS C 263 -2.27 -31.72 -0.96
N ILE C 264 -3.46 -31.40 -1.48
CA ILE C 264 -4.31 -30.33 -0.98
C ILE C 264 -5.71 -30.94 -0.86
N ARG C 265 -6.08 -31.31 0.36
CA ARG C 265 -7.39 -31.93 0.60
C ARG C 265 -8.49 -30.90 0.73
N ASN C 266 -8.77 -30.19 -0.36
CA ASN C 266 -9.79 -29.15 -0.33
C ASN C 266 -11.19 -29.65 0.03
N THR C 267 -11.39 -30.97 0.03
CA THR C 267 -12.69 -31.53 0.35
C THR C 267 -12.99 -31.58 1.86
N ALA C 268 -11.94 -31.67 2.68
CA ALA C 268 -12.10 -31.74 4.12
C ALA C 268 -12.58 -30.41 4.70
N MET C 269 -13.70 -30.43 5.42
CA MET C 269 -14.23 -29.21 6.01
C MET C 269 -13.89 -29.10 7.49
N GLY C 270 -14.29 -28.00 8.11
CA GLY C 270 -14.03 -27.82 9.51
C GLY C 270 -13.22 -26.58 9.83
N SER C 271 -12.80 -25.88 8.79
CA SER C 271 -12.00 -24.67 8.95
C SER C 271 -12.01 -23.88 7.65
N ASP C 272 -11.47 -22.67 7.66
CA ASP C 272 -11.42 -21.87 6.44
C ASP C 272 -10.14 -22.24 5.67
N HIS C 273 -9.40 -23.20 6.23
CA HIS C 273 -8.19 -23.75 5.62
C HIS C 273 -8.50 -25.22 5.47
N CYS C 274 -7.96 -25.88 4.45
CA CYS C 274 -8.17 -27.32 4.29
C CYS C 274 -6.82 -27.92 4.65
N PRO C 275 -6.78 -29.23 4.95
CA PRO C 275 -5.48 -29.81 5.28
C PRO C 275 -4.63 -30.10 4.06
N ILE C 276 -3.32 -30.21 4.27
CA ILE C 276 -2.41 -30.54 3.19
C ILE C 276 -1.62 -31.76 3.67
N THR C 277 -1.34 -32.69 2.76
CA THR C 277 -0.62 -33.90 3.11
C THR C 277 0.59 -34.10 2.22
N LEU C 278 1.69 -34.51 2.84
CA LEU C 278 2.94 -34.76 2.14
C LEU C 278 3.30 -36.24 2.17
N PHE C 279 3.72 -36.77 1.03
CA PHE C 279 4.13 -38.16 0.94
C PHE C 279 5.63 -38.17 0.66
N LEU C 280 6.37 -38.77 1.56
CA LEU C 280 7.82 -38.83 1.42
C LEU C 280 8.36 -40.23 1.50
N ALA C 281 9.54 -40.40 0.93
CA ALA C 281 10.24 -41.67 0.96
C ALA C 281 11.56 -41.30 1.63
N VAL C 282 11.66 -41.57 2.93
CA VAL C 282 12.88 -41.26 3.67
C VAL C 282 13.56 -42.54 4.13
#